data_2NTL
#
_entry.id   2NTL
#
_cell.length_a   85.913
_cell.length_b   85.913
_cell.length_c   124.290
_cell.angle_alpha   90.00
_cell.angle_beta   90.00
_cell.angle_gamma   120.00
#
_symmetry.space_group_name_H-M   'P 32'
#
loop_
_entity.id
_entity.type
_entity.pdbx_description
1 polymer 'IMP cyclohydrolase'
2 non-polymer 'AMINOIMIDAZOLE 4-CARBOXAMIDE RIBONUCLEOTIDE'
3 water water
#
_entity_poly.entity_id   1
_entity_poly.type   'polypeptide(L)'
_entity_poly.pdbx_seq_one_letter_code
;MGSSHHHHHHSSGLVPRGSHMYLGRILAVGRNSNGSFVAYRVSSRSFPNRTTSIQEERVAVVPVEGHERDVFRNPYIAYN
CIRIVGDTAVVSNGSHTDTIADKVALGMNLRDAIGLSLLAMDYEKDELNTPRIAAAINGSEAFIGIVTADGLMVSRVPEE
TPVYISTYEQTEPAATEFKAGSPEEAAEFILKGGEFAAFTHPVTAAAAFNDGEGWNLATREM
;
_entity_poly.pdbx_strand_id   A,B,C,D
#
# COMPACT_ATOMS: atom_id res chain seq x y z
N MET A 21 -27.88 17.66 -9.14
CA MET A 21 -27.96 18.77 -8.14
C MET A 21 -27.73 18.34 -6.68
N TYR A 22 -27.89 17.05 -6.41
CA TYR A 22 -27.63 16.50 -5.09
C TYR A 22 -26.24 15.87 -5.17
N LEU A 23 -25.26 16.53 -4.57
CA LEU A 23 -23.89 16.04 -4.61
C LEU A 23 -23.50 15.16 -3.42
N GLY A 24 -24.38 15.10 -2.42
CA GLY A 24 -24.07 14.32 -1.22
C GLY A 24 -23.02 15.06 -0.41
N ARG A 25 -22.04 14.34 0.12
CA ARG A 25 -20.98 14.95 0.91
C ARG A 25 -20.02 15.74 0.04
N ILE A 26 -19.67 16.95 0.48
CA ILE A 26 -18.80 17.84 -0.27
C ILE A 26 -17.66 18.40 0.56
N LEU A 27 -16.52 18.59 -0.08
CA LEU A 27 -15.37 19.16 0.59
C LEU A 27 -14.65 20.07 -0.40
N ALA A 28 -14.07 21.14 0.15
CA ALA A 28 -13.31 22.07 -0.66
C ALA A 28 -11.99 22.32 0.06
N VAL A 29 -10.97 22.70 -0.69
CA VAL A 29 -9.66 22.94 -0.11
C VAL A 29 -8.90 23.91 -1.00
N GLY A 30 -8.02 24.69 -0.40
CA GLY A 30 -7.26 25.64 -1.20
C GLY A 30 -6.86 26.86 -0.42
N ARG A 31 -6.44 27.90 -1.15
CA ARG A 31 -6.01 29.15 -0.55
C ARG A 31 -6.66 30.32 -1.26
N ASN A 32 -6.88 31.40 -0.53
CA ASN A 32 -7.42 32.61 -1.10
C ASN A 32 -6.62 33.75 -0.50
N SER A 33 -7.00 34.99 -0.80
CA SER A 33 -6.26 36.15 -0.30
C SER A 33 -6.12 36.23 1.23
N ASN A 34 -7.06 35.61 1.95
CA ASN A 34 -7.05 35.66 3.40
C ASN A 34 -6.31 34.51 4.10
N GLY A 35 -6.09 33.40 3.39
CA GLY A 35 -5.41 32.28 4.01
C GLY A 35 -5.70 30.93 3.38
N SER A 36 -5.34 29.86 4.09
CA SER A 36 -5.56 28.49 3.62
C SER A 36 -6.76 27.88 4.31
N PHE A 37 -7.36 26.85 3.70
CA PHE A 37 -8.54 26.26 4.31
C PHE A 37 -9.02 24.94 3.72
N VAL A 38 -9.94 24.31 4.46
CA VAL A 38 -10.60 23.09 4.06
C VAL A 38 -12.01 23.28 4.59
N ALA A 39 -12.98 22.93 3.77
CA ALA A 39 -14.36 23.07 4.19
C ALA A 39 -15.02 21.75 3.93
N TYR A 40 -16.06 21.46 4.69
CA TYR A 40 -16.75 20.21 4.52
C TYR A 40 -18.21 20.40 4.79
N ARG A 41 -19.04 19.73 4.00
CA ARG A 41 -20.48 19.84 4.17
C ARG A 41 -21.16 18.51 4.01
N VAL A 42 -22.08 18.23 4.91
CA VAL A 42 -22.85 17.00 4.85
C VAL A 42 -24.17 17.32 4.17
N SER A 43 -24.45 16.58 3.11
CA SER A 43 -25.71 16.72 2.40
C SER A 43 -26.23 15.31 2.52
N SER A 44 -27.48 15.17 2.92
CA SER A 44 -28.02 13.83 3.08
C SER A 44 -29.54 13.79 2.94
N ARG A 45 -30.04 12.63 2.57
CA ARG A 45 -31.45 12.40 2.39
C ARG A 45 -31.90 11.38 3.42
N SER A 46 -31.24 10.24 3.44
CA SER A 46 -31.56 9.16 4.37
C SER A 46 -31.15 9.39 5.82
N PHE A 47 -30.15 10.25 6.04
CA PHE A 47 -29.68 10.55 7.39
C PHE A 47 -29.44 12.04 7.58
N PRO A 48 -30.51 12.81 7.76
CA PRO A 48 -30.39 14.26 7.96
C PRO A 48 -30.28 14.65 9.43
N ASN A 49 -30.41 13.66 10.32
CA ASN A 49 -30.34 13.91 11.77
C ASN A 49 -28.90 13.92 12.29
N ARG A 50 -28.08 14.79 11.73
CA ARG A 50 -26.69 14.88 12.12
C ARG A 50 -26.19 16.32 12.21
N THR A 51 -25.10 16.50 12.92
CA THR A 51 -24.51 17.83 13.10
C THR A 51 -23.01 17.67 13.20
N THR A 52 -22.29 18.80 13.26
CA THR A 52 -20.85 18.74 13.40
C THR A 52 -20.51 19.12 14.83
N SER A 53 -19.45 18.53 15.33
CA SER A 53 -19.00 18.77 16.68
C SER A 53 -17.50 19.04 16.70
N ILE A 54 -17.10 20.06 17.44
CA ILE A 54 -15.68 20.38 17.51
C ILE A 54 -15.10 19.80 18.77
N GLN A 55 -13.99 19.08 18.62
CA GLN A 55 -13.29 18.48 19.73
C GLN A 55 -11.82 18.83 19.51
N GLU A 56 -10.95 18.35 20.38
CA GLU A 56 -9.54 18.69 20.24
C GLU A 56 -8.95 18.48 18.85
N GLU A 57 -8.72 19.58 18.15
CA GLU A 57 -8.11 19.56 16.83
C GLU A 57 -8.79 18.69 15.77
N ARG A 58 -10.10 18.57 15.89
CA ARG A 58 -10.86 17.78 14.92
C ARG A 58 -12.32 18.14 14.96
N VAL A 59 -13.01 17.86 13.86
CA VAL A 59 -14.45 18.12 13.78
C VAL A 59 -15.10 16.79 13.42
N ALA A 60 -16.08 16.38 14.21
CA ALA A 60 -16.73 15.13 13.96
C ALA A 60 -18.16 15.33 13.45
N VAL A 61 -18.57 14.51 12.50
CA VAL A 61 -19.92 14.54 12.00
C VAL A 61 -20.60 13.49 12.87
N VAL A 62 -21.56 13.90 13.70
CA VAL A 62 -22.22 12.95 14.58
C VAL A 62 -23.74 13.07 14.59
N PRO A 63 -24.44 12.08 15.15
CA PRO A 63 -25.89 12.14 15.20
C PRO A 63 -26.32 13.16 16.23
N VAL A 64 -27.42 13.87 15.96
CA VAL A 64 -27.94 14.85 16.90
C VAL A 64 -28.57 14.04 18.03
N GLU A 65 -28.79 14.66 19.19
CA GLU A 65 -29.36 13.92 20.30
C GLU A 65 -30.61 13.16 19.89
N GLY A 66 -30.76 11.95 20.42
CA GLY A 66 -31.92 11.13 20.10
C GLY A 66 -31.68 10.08 19.03
N HIS A 67 -30.70 10.32 18.16
CA HIS A 67 -30.40 9.37 17.08
C HIS A 67 -29.06 8.66 17.21
N GLU A 68 -28.52 8.60 18.42
CA GLU A 68 -27.25 7.91 18.65
C GLU A 68 -27.28 6.58 17.91
N ARG A 69 -28.42 5.90 18.00
CA ARG A 69 -28.63 4.60 17.37
C ARG A 69 -28.23 4.49 15.89
N ASP A 70 -28.44 5.55 15.13
CA ASP A 70 -28.13 5.54 13.70
C ASP A 70 -26.75 4.95 13.34
N VAL A 71 -25.71 5.29 14.09
CA VAL A 71 -24.37 4.76 13.80
C VAL A 71 -24.35 3.25 13.72
N PHE A 72 -25.34 2.60 14.34
CA PHE A 72 -25.40 1.15 14.33
C PHE A 72 -26.17 0.64 13.12
N ARG A 73 -26.92 1.52 12.49
CA ARG A 73 -27.70 1.13 11.30
C ARG A 73 -26.81 1.30 10.08
N ASN A 74 -26.00 2.35 10.09
CA ASN A 74 -25.10 2.65 8.97
C ASN A 74 -23.75 3.08 9.53
N PRO A 75 -22.68 2.36 9.17
CA PRO A 75 -21.33 2.64 9.62
C PRO A 75 -20.60 3.77 8.90
N TYR A 76 -21.30 4.49 8.02
CA TYR A 76 -20.61 5.54 7.29
C TYR A 76 -21.13 6.92 7.62
N ILE A 77 -22.02 7.03 8.60
CA ILE A 77 -22.59 8.32 8.90
C ILE A 77 -21.91 9.11 10.03
N ALA A 78 -21.04 8.48 10.80
CA ALA A 78 -20.36 9.17 11.89
C ALA A 78 -18.86 9.03 11.70
N TYR A 79 -18.13 10.14 11.74
CA TYR A 79 -16.69 10.11 11.50
C TYR A 79 -16.11 11.51 11.63
N ASN A 80 -14.81 11.59 11.81
CA ASN A 80 -14.17 12.88 11.90
C ASN A 80 -14.05 13.34 10.47
N CYS A 81 -14.59 14.52 10.16
CA CYS A 81 -14.50 15.05 8.79
C CYS A 81 -13.26 15.94 8.64
N ILE A 82 -12.75 16.42 9.77
CA ILE A 82 -11.57 17.29 9.79
C ILE A 82 -10.61 16.97 10.93
N ARG A 83 -9.32 16.88 10.60
CA ARG A 83 -8.26 16.60 11.56
C ARG A 83 -7.12 17.59 11.33
N ILE A 84 -6.65 18.21 12.39
CA ILE A 84 -5.54 19.13 12.25
C ILE A 84 -4.32 18.44 12.86
N VAL A 85 -3.26 18.31 12.09
CA VAL A 85 -2.04 17.70 12.58
C VAL A 85 -0.92 18.68 12.24
N GLY A 86 -0.44 19.37 13.28
CA GLY A 86 0.61 20.35 13.07
C GLY A 86 0.14 21.45 12.14
N ASP A 87 0.91 21.64 11.07
CA ASP A 87 0.59 22.67 10.09
C ASP A 87 -0.33 22.13 9.01
N THR A 88 -0.79 20.88 9.16
CA THR A 88 -1.63 20.26 8.15
C THR A 88 -3.11 20.07 8.52
N ALA A 89 -3.99 20.43 7.57
CA ALA A 89 -5.42 20.26 7.72
C ALA A 89 -5.84 19.10 6.80
N VAL A 90 -6.64 18.19 7.35
CA VAL A 90 -7.12 17.03 6.61
C VAL A 90 -8.64 17.06 6.64
N VAL A 91 -9.25 16.75 5.51
CA VAL A 91 -10.70 16.73 5.41
C VAL A 91 -11.14 15.54 4.54
N SER A 92 -12.22 14.90 4.94
CA SER A 92 -12.73 13.75 4.19
C SER A 92 -14.14 13.43 4.65
N ASN A 93 -14.84 12.63 3.86
CA ASN A 93 -16.21 12.25 4.14
C ASN A 93 -16.35 10.98 4.96
N GLY A 94 -15.26 10.53 5.56
CA GLY A 94 -15.34 9.31 6.35
C GLY A 94 -14.18 9.06 7.30
N SER A 95 -14.19 7.89 7.92
CA SER A 95 -13.15 7.52 8.88
C SER A 95 -11.71 7.59 8.32
N HIS A 96 -11.56 7.66 7.00
CA HIS A 96 -10.22 7.73 6.43
C HIS A 96 -9.56 9.07 6.77
N THR A 97 -10.33 10.00 7.33
CA THR A 97 -9.78 11.30 7.72
C THR A 97 -8.71 11.00 8.74
N ASP A 98 -9.01 10.07 9.63
CA ASP A 98 -8.06 9.68 10.66
C ASP A 98 -6.91 8.87 10.08
N THR A 99 -7.20 8.01 9.12
CA THR A 99 -6.17 7.21 8.49
C THR A 99 -5.11 8.10 7.83
N ILE A 100 -5.57 9.13 7.15
CA ILE A 100 -4.69 10.08 6.47
C ILE A 100 -3.93 10.99 7.44
N ALA A 101 -4.65 11.59 8.38
CA ALA A 101 -4.04 12.47 9.35
C ALA A 101 -2.95 11.74 10.14
N ASP A 102 -3.21 10.51 10.54
CA ASP A 102 -2.24 9.72 11.30
C ASP A 102 -0.94 9.54 10.51
N LYS A 103 -1.05 9.26 9.21
CA LYS A 103 0.13 9.06 8.37
C LYS A 103 0.92 10.35 8.24
N VAL A 104 0.20 11.46 8.11
CA VAL A 104 0.87 12.76 8.00
C VAL A 104 1.59 13.00 9.33
N ALA A 105 0.89 12.74 10.43
CA ALA A 105 1.48 12.93 11.74
C ALA A 105 2.75 12.10 11.90
N LEU A 106 2.75 10.88 11.38
CA LEU A 106 3.91 10.01 11.50
C LEU A 106 4.93 10.25 10.39
N GLY A 107 4.66 11.21 9.53
CA GLY A 107 5.59 11.51 8.46
C GLY A 107 5.31 10.78 7.16
N MET A 108 4.59 11.46 6.28
CA MET A 108 4.27 10.91 4.98
C MET A 108 3.75 12.10 4.22
N ASN A 109 4.27 12.31 3.02
CA ASN A 109 3.84 13.44 2.22
C ASN A 109 2.33 13.32 2.00
N LEU A 110 1.69 14.45 1.74
CA LEU A 110 0.25 14.46 1.53
C LEU A 110 -0.25 13.53 0.45
N ARG A 111 0.34 13.58 -0.74
CA ARG A 111 -0.12 12.71 -1.83
C ARG A 111 -0.18 11.24 -1.43
N ASP A 112 0.93 10.72 -0.91
CA ASP A 112 0.97 9.31 -0.51
C ASP A 112 0.01 8.99 0.63
N ALA A 113 -0.04 9.85 1.64
CA ALA A 113 -0.93 9.67 2.76
C ALA A 113 -2.39 9.52 2.28
N ILE A 114 -2.80 10.37 1.34
CA ILE A 114 -4.15 10.29 0.82
C ILE A 114 -4.24 9.04 -0.07
N GLY A 115 -3.23 8.86 -0.93
CA GLY A 115 -3.23 7.73 -1.84
C GLY A 115 -3.30 6.39 -1.13
N LEU A 116 -2.41 6.17 -0.17
CA LEU A 116 -2.40 4.89 0.53
C LEU A 116 -3.72 4.63 1.28
N SER A 117 -4.26 5.66 1.92
CA SER A 117 -5.48 5.49 2.68
C SER A 117 -6.68 5.16 1.81
N LEU A 118 -6.82 5.88 0.70
CA LEU A 118 -7.95 5.63 -0.19
C LEU A 118 -7.83 4.27 -0.87
N LEU A 119 -6.62 3.93 -1.29
CA LEU A 119 -6.38 2.65 -1.94
C LEU A 119 -6.81 1.50 -1.03
N ALA A 120 -6.47 1.60 0.26
CA ALA A 120 -6.80 0.54 1.21
C ALA A 120 -8.26 0.55 1.63
N MET A 121 -8.74 1.71 2.08
CA MET A 121 -10.13 1.85 2.53
C MET A 121 -11.10 1.54 1.40
N ASP A 122 -10.84 2.13 0.24
CA ASP A 122 -11.67 1.91 -0.92
C ASP A 122 -13.03 2.61 -0.82
N TYR A 123 -13.86 2.48 -1.85
CA TYR A 123 -15.17 3.10 -1.83
C TYR A 123 -16.03 2.41 -0.77
N GLU A 124 -17.04 3.13 -0.28
CA GLU A 124 -17.90 2.60 0.75
C GLU A 124 -18.83 1.52 0.17
N LYS A 125 -19.06 0.48 0.95
CA LYS A 125 -19.89 -0.61 0.48
C LYS A 125 -21.36 -0.45 0.78
N ASP A 126 -21.94 0.63 0.27
CA ASP A 126 -23.38 0.86 0.44
C ASP A 126 -24.08 0.60 -0.88
N GLU A 127 -25.38 0.87 -0.92
CA GLU A 127 -26.14 0.64 -2.14
C GLU A 127 -25.73 1.55 -3.29
N LEU A 128 -24.84 2.50 -3.02
CA LEU A 128 -24.40 3.41 -4.07
C LEU A 128 -22.91 3.34 -4.35
N ASN A 129 -22.18 2.49 -3.61
CA ASN A 129 -20.74 2.40 -3.75
C ASN A 129 -20.18 3.80 -3.55
N THR A 130 -20.76 4.51 -2.59
CA THR A 130 -20.36 5.87 -2.27
C THR A 130 -18.86 5.98 -2.16
N PRO A 131 -18.25 6.87 -2.95
CA PRO A 131 -16.82 7.12 -2.98
C PRO A 131 -16.28 7.71 -1.69
N ARG A 132 -14.98 7.53 -1.49
CA ARG A 132 -14.33 8.14 -0.34
C ARG A 132 -13.53 9.29 -0.97
N ILE A 133 -13.73 10.49 -0.44
CA ILE A 133 -13.04 11.66 -0.94
C ILE A 133 -12.23 12.26 0.21
N ALA A 134 -11.17 13.00 -0.13
CA ALA A 134 -10.34 13.62 0.89
C ALA A 134 -9.43 14.67 0.29
N ALA A 135 -8.89 15.50 1.17
CA ALA A 135 -7.97 16.55 0.79
C ALA A 135 -7.17 16.90 2.02
N ALA A 136 -5.96 17.38 1.81
CA ALA A 136 -5.10 17.77 2.90
C ALA A 136 -4.29 18.97 2.42
N ILE A 137 -4.04 19.90 3.33
CA ILE A 137 -3.31 21.09 2.97
C ILE A 137 -2.41 21.57 4.10
N ASN A 138 -1.21 22.00 3.73
CA ASN A 138 -0.26 22.52 4.70
C ASN A 138 0.32 23.81 4.16
N GLY A 139 1.40 24.28 4.77
CA GLY A 139 2.00 25.53 4.34
C GLY A 139 2.42 25.65 2.88
N SER A 140 2.92 24.58 2.29
CA SER A 140 3.40 24.68 0.91
C SER A 140 2.60 23.98 -0.19
N GLU A 141 1.89 22.92 0.16
CA GLU A 141 1.11 22.20 -0.85
C GLU A 141 -0.21 21.67 -0.35
N ALA A 142 -1.01 21.20 -1.29
CA ALA A 142 -2.31 20.64 -0.99
C ALA A 142 -2.67 19.58 -2.02
N PHE A 143 -3.35 18.53 -1.58
CA PHE A 143 -3.78 17.46 -2.46
C PHE A 143 -5.21 17.08 -2.20
N ILE A 144 -5.87 16.60 -3.25
CA ILE A 144 -7.27 16.20 -3.14
C ILE A 144 -7.37 14.86 -3.82
N GLY A 145 -8.25 13.99 -3.32
CA GLY A 145 -8.38 12.68 -3.92
C GLY A 145 -9.72 12.00 -3.74
N ILE A 146 -9.94 10.97 -4.54
CA ILE A 146 -11.19 10.22 -4.47
C ILE A 146 -10.96 8.79 -4.95
N VAL A 147 -11.72 7.87 -4.38
CA VAL A 147 -11.63 6.46 -4.75
C VAL A 147 -13.05 5.98 -4.95
N THR A 148 -13.27 5.33 -6.08
CA THR A 148 -14.60 4.85 -6.45
C THR A 148 -14.53 3.46 -7.06
N ALA A 149 -15.70 2.91 -7.37
CA ALA A 149 -15.76 1.60 -7.98
C ALA A 149 -15.05 1.60 -9.34
N ASP A 150 -14.86 2.77 -9.94
CA ASP A 150 -14.20 2.87 -11.24
C ASP A 150 -12.74 3.29 -11.21
N GLY A 151 -12.23 3.64 -10.02
CA GLY A 151 -10.85 4.03 -9.98
C GLY A 151 -10.42 4.79 -8.74
N LEU A 152 -9.19 5.31 -8.83
CA LEU A 152 -8.57 6.04 -7.75
C LEU A 152 -7.88 7.26 -8.34
N MET A 153 -8.04 8.39 -7.68
CA MET A 153 -7.41 9.62 -8.16
C MET A 153 -6.98 10.52 -7.01
N VAL A 154 -5.74 10.97 -7.08
CA VAL A 154 -5.18 11.86 -6.08
C VAL A 154 -4.38 12.87 -6.89
N SER A 155 -4.69 14.15 -6.71
CA SER A 155 -3.96 15.15 -7.47
C SER A 155 -3.67 16.42 -6.69
N ARG A 156 -2.61 17.09 -7.13
CA ARG A 156 -2.19 18.34 -6.55
C ARG A 156 -3.24 19.42 -6.78
N VAL A 157 -3.56 20.15 -5.71
CA VAL A 157 -4.52 21.25 -5.83
C VAL A 157 -3.73 22.44 -6.39
N PRO A 158 -4.21 23.03 -7.50
CA PRO A 158 -3.49 24.17 -8.08
C PRO A 158 -3.49 25.32 -7.08
N GLU A 159 -2.33 25.92 -6.86
CA GLU A 159 -2.22 27.03 -5.91
C GLU A 159 -3.02 28.23 -6.41
N GLU A 160 -3.19 28.28 -7.72
CA GLU A 160 -3.91 29.35 -8.39
C GLU A 160 -5.40 29.40 -8.05
N THR A 161 -5.95 28.30 -7.52
CA THR A 161 -7.37 28.30 -7.20
C THR A 161 -7.87 27.14 -6.34
N PRO A 162 -8.82 27.42 -5.44
CA PRO A 162 -9.41 26.43 -4.54
C PRO A 162 -10.27 25.50 -5.36
N VAL A 163 -10.40 24.25 -4.92
CA VAL A 163 -11.21 23.28 -5.63
C VAL A 163 -12.12 22.58 -4.63
N TYR A 164 -13.09 21.83 -5.15
CA TYR A 164 -14.00 21.09 -4.31
C TYR A 164 -14.37 19.81 -5.03
N ILE A 165 -14.89 18.85 -4.28
CA ILE A 165 -15.27 17.57 -4.87
C ILE A 165 -16.39 16.98 -4.02
N SER A 166 -17.18 16.08 -4.58
CA SER A 166 -18.27 15.49 -3.82
C SER A 166 -18.35 13.99 -4.08
N THR A 167 -19.20 13.31 -3.33
CA THR A 167 -19.34 11.87 -3.49
C THR A 167 -20.27 11.50 -4.65
N TYR A 168 -21.15 12.43 -5.03
CA TYR A 168 -22.07 12.19 -6.13
C TYR A 168 -22.03 13.34 -7.12
N GLU A 169 -22.08 12.98 -8.40
CA GLU A 169 -22.05 13.96 -9.50
C GLU A 169 -20.67 14.57 -9.68
N GLN A 170 -20.31 15.51 -8.81
CA GLN A 170 -19.02 16.17 -8.91
C GLN A 170 -17.91 15.29 -8.33
N THR A 171 -17.68 14.16 -8.98
CA THR A 171 -16.67 13.22 -8.55
C THR A 171 -15.27 13.44 -9.12
N GLU A 172 -14.94 14.70 -9.35
CA GLU A 172 -13.60 15.08 -9.82
C GLU A 172 -13.45 16.52 -9.37
N PRO A 173 -12.21 16.95 -9.08
CA PRO A 173 -12.04 18.33 -8.64
C PRO A 173 -12.65 19.35 -9.58
N ALA A 174 -13.28 20.37 -8.99
CA ALA A 174 -13.91 21.46 -9.74
C ALA A 174 -13.49 22.78 -9.10
N ALA A 175 -13.00 23.70 -9.93
CA ALA A 175 -12.57 25.00 -9.44
C ALA A 175 -13.71 25.77 -8.81
N THR A 176 -13.39 26.57 -7.81
CA THR A 176 -14.40 27.36 -7.15
C THR A 176 -13.79 28.59 -6.54
N GLU A 177 -14.49 29.71 -6.67
CA GLU A 177 -14.03 30.95 -6.09
C GLU A 177 -14.56 30.84 -4.66
N PHE A 178 -13.71 30.38 -3.75
CA PHE A 178 -14.11 30.19 -2.36
C PHE A 178 -13.71 31.41 -1.54
N LYS A 179 -14.64 32.33 -1.35
CA LYS A 179 -14.34 33.52 -0.57
C LYS A 179 -14.68 33.28 0.89
N ALA A 180 -13.68 33.50 1.75
CA ALA A 180 -13.84 33.32 3.18
C ALA A 180 -12.57 33.81 3.86
N GLY A 181 -12.73 34.44 5.02
CA GLY A 181 -11.56 34.92 5.73
C GLY A 181 -11.45 34.31 7.11
N SER A 182 -12.29 33.32 7.40
CA SER A 182 -12.30 32.66 8.70
C SER A 182 -12.99 31.31 8.60
N PRO A 183 -12.77 30.43 9.59
CA PRO A 183 -13.41 29.11 9.56
C PRO A 183 -14.95 29.22 9.56
N GLU A 184 -15.46 30.20 10.28
CA GLU A 184 -16.91 30.39 10.34
C GLU A 184 -17.45 30.71 8.95
N GLU A 185 -16.80 31.66 8.27
CA GLU A 185 -17.21 32.04 6.92
C GLU A 185 -17.06 30.89 5.95
N ALA A 186 -15.94 30.18 6.06
CA ALA A 186 -15.68 29.05 5.18
C ALA A 186 -16.79 28.01 5.33
N ALA A 187 -17.14 27.69 6.57
CA ALA A 187 -18.18 26.70 6.80
C ALA A 187 -19.52 27.18 6.27
N GLU A 188 -19.82 28.46 6.48
CA GLU A 188 -21.07 29.03 6.01
C GLU A 188 -21.15 29.02 4.49
N PHE A 189 -20.02 29.30 3.84
CA PHE A 189 -19.98 29.32 2.38
C PHE A 189 -20.23 27.98 1.70
N ILE A 190 -19.59 26.91 2.19
CA ILE A 190 -19.79 25.61 1.57
C ILE A 190 -21.19 25.11 1.89
N LEU A 191 -21.83 25.73 2.88
CA LEU A 191 -23.16 25.32 3.26
C LEU A 191 -24.25 26.07 2.47
N LYS A 192 -24.06 27.37 2.26
CA LYS A 192 -25.08 28.18 1.56
C LYS A 192 -24.57 29.12 0.51
N GLY A 193 -23.27 29.41 0.53
CA GLY A 193 -22.68 30.35 -0.42
C GLY A 193 -22.54 29.91 -1.86
N GLY A 194 -22.20 30.89 -2.70
CA GLY A 194 -21.98 30.67 -4.13
C GLY A 194 -22.64 29.47 -4.77
N GLU A 195 -21.87 28.77 -5.58
CA GLU A 195 -22.35 27.61 -6.29
C GLU A 195 -22.94 26.56 -5.35
N PHE A 196 -22.48 26.56 -4.10
CA PHE A 196 -22.96 25.56 -3.14
C PHE A 196 -24.40 25.73 -2.71
N ALA A 197 -24.95 26.91 -2.92
CA ALA A 197 -26.34 27.16 -2.56
C ALA A 197 -27.28 26.27 -3.37
N ALA A 198 -26.88 25.98 -4.60
CA ALA A 198 -27.68 25.15 -5.51
C ALA A 198 -27.67 23.65 -5.21
N PHE A 199 -26.67 23.18 -4.45
CA PHE A 199 -26.58 21.77 -4.13
C PHE A 199 -27.57 21.47 -3.01
N THR A 200 -28.46 20.54 -3.30
CA THR A 200 -29.55 20.18 -2.39
C THR A 200 -29.27 19.36 -1.14
N HIS A 201 -30.22 19.44 -0.21
CA HIS A 201 -30.20 18.73 1.06
C HIS A 201 -29.06 19.06 2.01
N PRO A 202 -28.81 20.36 2.23
CA PRO A 202 -27.72 20.73 3.15
C PRO A 202 -28.18 20.31 4.54
N VAL A 203 -27.23 19.85 5.37
CA VAL A 203 -27.57 19.44 6.73
C VAL A 203 -26.68 20.15 7.74
N THR A 204 -25.37 20.05 7.54
CA THR A 204 -24.41 20.67 8.44
C THR A 204 -23.08 20.85 7.72
N ALA A 205 -22.23 21.73 8.23
CA ALA A 205 -20.93 21.97 7.62
C ALA A 205 -19.90 22.36 8.67
N ALA A 206 -18.62 22.27 8.31
CA ALA A 206 -17.53 22.63 9.21
C ALA A 206 -16.36 23.07 8.35
N ALA A 207 -15.42 23.78 8.95
CA ALA A 207 -14.25 24.22 8.21
C ALA A 207 -13.06 24.51 9.11
N ALA A 208 -11.90 24.60 8.48
CA ALA A 208 -10.67 24.91 9.19
C ALA A 208 -9.99 26.01 8.38
N PHE A 209 -9.64 27.12 9.03
CA PHE A 209 -9.00 28.20 8.34
C PHE A 209 -7.66 28.55 8.97
N ASN A 210 -6.72 29.00 8.15
CA ASN A 210 -5.39 29.38 8.65
C ASN A 210 -4.97 30.69 7.98
N ASP A 211 -5.01 31.79 8.72
CA ASP A 211 -4.62 33.10 8.22
C ASP A 211 -3.14 33.32 8.42
N GLY A 212 -2.44 32.30 8.92
CA GLY A 212 -1.01 32.41 9.16
C GLY A 212 -0.65 32.20 10.62
N GLU A 213 -1.65 32.32 11.48
CA GLU A 213 -1.40 32.15 12.91
C GLU A 213 -1.92 30.81 13.43
N GLY A 214 -2.27 29.91 12.51
CA GLY A 214 -2.74 28.62 12.94
C GLY A 214 -4.12 28.22 12.48
N TRP A 215 -4.38 26.92 12.58
CA TRP A 215 -5.66 26.40 12.17
C TRP A 215 -6.74 26.61 13.21
N ASN A 216 -7.87 27.16 12.76
CA ASN A 216 -9.02 27.41 13.61
C ASN A 216 -10.20 26.65 13.03
N LEU A 217 -11.06 26.14 13.89
CA LEU A 217 -12.20 25.36 13.46
C LEU A 217 -13.51 26.09 13.67
N ALA A 218 -14.53 25.66 12.96
CA ALA A 218 -15.86 26.26 13.07
C ALA A 218 -16.88 25.36 12.39
N THR A 219 -18.14 25.48 12.81
CA THR A 219 -19.22 24.71 12.25
C THR A 219 -20.37 25.65 11.95
N ARG A 220 -21.26 25.23 11.05
CA ARG A 220 -22.43 26.01 10.67
C ARG A 220 -23.63 25.10 10.40
N GLU A 221 -24.76 25.45 11.00
CA GLU A 221 -25.98 24.68 10.80
C GLU A 221 -26.86 25.44 9.80
N MET A 222 -27.91 24.79 9.31
CA MET A 222 -28.80 25.45 8.38
C MET A 222 -29.61 26.54 9.05
N MET B 21 4.03 17.12 -29.57
CA MET B 21 4.22 16.12 -30.67
C MET B 21 4.99 14.88 -30.23
N TYR B 22 5.82 15.02 -29.19
CA TYR B 22 6.62 13.92 -28.67
C TYR B 22 6.00 13.44 -27.36
N LEU B 23 5.36 12.28 -27.39
CA LEU B 23 4.72 11.75 -26.20
C LEU B 23 5.58 10.78 -25.38
N GLY B 24 6.74 10.43 -25.90
CA GLY B 24 7.60 9.50 -25.19
C GLY B 24 6.97 8.11 -25.27
N ARG B 25 7.04 7.35 -24.18
CA ARG B 25 6.46 6.00 -24.17
C ARG B 25 4.94 6.06 -24.19
N ILE B 26 4.33 5.19 -25.01
CA ILE B 26 2.88 5.15 -25.16
C ILE B 26 2.31 3.76 -25.02
N LEU B 27 1.10 3.67 -24.48
CA LEU B 27 0.44 2.39 -24.35
C LEU B 27 -1.04 2.61 -24.57
N ALA B 28 -1.69 1.60 -25.14
CA ALA B 28 -3.12 1.67 -25.39
C ALA B 28 -3.68 0.34 -24.90
N VAL B 29 -4.97 0.34 -24.58
CA VAL B 29 -5.62 -0.86 -24.09
C VAL B 29 -7.11 -0.73 -24.33
N GLY B 30 -7.77 -1.87 -24.53
CA GLY B 30 -9.19 -1.84 -24.77
C GLY B 30 -9.67 -3.00 -25.62
N ARG B 31 -10.89 -2.87 -26.13
CA ARG B 31 -11.47 -3.90 -26.95
C ARG B 31 -12.06 -3.27 -28.21
N ASN B 32 -12.09 -4.05 -29.28
CA ASN B 32 -12.69 -3.61 -30.53
C ASN B 32 -13.46 -4.82 -31.05
N SER B 33 -14.07 -4.69 -32.22
CA SER B 33 -14.86 -5.76 -32.81
C SER B 33 -14.13 -7.12 -32.96
N ASN B 34 -12.81 -7.08 -33.07
CA ASN B 34 -12.04 -8.32 -33.23
C ASN B 34 -11.53 -8.97 -31.95
N GLY B 35 -11.47 -8.21 -30.86
CA GLY B 35 -10.99 -8.77 -29.60
C GLY B 35 -10.46 -7.75 -28.62
N SER B 36 -9.73 -8.24 -27.61
CA SER B 36 -9.13 -7.38 -26.57
C SER B 36 -7.65 -7.20 -26.84
N PHE B 37 -7.06 -6.15 -26.29
CA PHE B 37 -5.63 -5.91 -26.55
C PHE B 37 -4.96 -4.85 -25.70
N VAL B 38 -3.63 -4.85 -25.79
CA VAL B 38 -2.77 -3.88 -25.12
C VAL B 38 -1.67 -3.66 -26.13
N ALA B 39 -1.31 -2.40 -26.34
CA ALA B 39 -0.27 -2.09 -27.29
C ALA B 39 0.71 -1.20 -26.57
N TYR B 40 1.96 -1.25 -26.99
CA TYR B 40 2.98 -0.45 -26.35
C TYR B 40 3.96 0.01 -27.39
N ARG B 41 4.42 1.24 -27.24
CA ARG B 41 5.38 1.81 -28.18
C ARG B 41 6.43 2.63 -27.49
N VAL B 42 7.67 2.40 -27.86
CA VAL B 42 8.77 3.14 -27.29
C VAL B 42 9.08 4.30 -28.23
N SER B 43 9.05 5.51 -27.70
CA SER B 43 9.40 6.69 -28.48
C SER B 43 10.55 7.22 -27.65
N SER B 44 11.68 7.52 -28.28
CA SER B 44 12.80 8.02 -27.52
C SER B 44 13.71 8.92 -28.35
N ARG B 45 14.45 9.76 -27.63
CA ARG B 45 15.38 10.68 -28.26
C ARG B 45 16.77 10.31 -27.80
N SER B 46 16.96 10.25 -26.49
CA SER B 46 18.24 9.92 -25.90
C SER B 46 18.65 8.44 -26.00
N PHE B 47 17.68 7.56 -26.13
CA PHE B 47 17.98 6.12 -26.23
C PHE B 47 17.14 5.46 -27.32
N PRO B 48 17.55 5.65 -28.59
CA PRO B 48 16.80 5.06 -29.71
C PRO B 48 17.33 3.69 -30.10
N ASN B 49 18.46 3.28 -29.49
CA ASN B 49 19.07 1.98 -29.79
C ASN B 49 18.43 0.83 -29.02
N ARG B 50 17.12 0.67 -29.19
CA ARG B 50 16.40 -0.38 -28.52
C ARG B 50 15.38 -1.06 -29.41
N THR B 51 14.96 -2.26 -29.01
CA THR B 51 13.98 -3.04 -29.76
C THR B 51 13.14 -3.85 -28.78
N THR B 52 12.12 -4.53 -29.30
CA THR B 52 11.30 -5.35 -28.44
C THR B 52 11.66 -6.81 -28.69
N SER B 53 11.59 -7.60 -27.64
CA SER B 53 11.91 -9.02 -27.71
C SER B 53 10.81 -9.84 -27.07
N ILE B 54 10.42 -10.92 -27.73
CA ILE B 54 9.39 -11.76 -27.18
C ILE B 54 10.02 -12.96 -26.50
N GLN B 55 9.59 -13.19 -25.26
CA GLN B 55 10.06 -14.32 -24.48
C GLN B 55 8.81 -14.98 -23.91
N GLU B 56 8.96 -16.02 -23.11
CA GLU B 56 7.80 -16.70 -22.58
C GLU B 56 6.76 -15.79 -21.91
N GLU B 57 5.63 -15.61 -22.61
CA GLU B 57 4.52 -14.79 -22.10
C GLU B 57 4.83 -13.36 -21.70
N ARG B 58 5.82 -12.76 -22.35
CA ARG B 58 6.18 -11.39 -22.04
C ARG B 58 6.98 -10.78 -23.18
N VAL B 59 6.97 -9.45 -23.25
CA VAL B 59 7.70 -8.74 -24.27
C VAL B 59 8.62 -7.77 -23.52
N ALA B 60 9.91 -7.85 -23.82
CA ALA B 60 10.86 -6.99 -23.16
C ALA B 60 11.41 -5.91 -24.08
N VAL B 61 11.55 -4.69 -23.56
CA VAL B 61 12.13 -3.60 -24.32
C VAL B 61 13.61 -3.71 -23.93
N VAL B 62 14.48 -4.03 -24.89
CA VAL B 62 15.89 -4.18 -24.60
C VAL B 62 16.81 -3.47 -25.58
N PRO B 63 18.08 -3.31 -25.22
CA PRO B 63 19.00 -2.63 -26.12
C PRO B 63 19.31 -3.54 -27.31
N VAL B 64 19.50 -2.93 -28.48
CA VAL B 64 19.85 -3.71 -29.67
C VAL B 64 21.31 -4.12 -29.48
N GLU B 65 21.76 -5.13 -30.22
CA GLU B 65 23.15 -5.57 -30.05
C GLU B 65 24.13 -4.41 -30.11
N GLY B 66 25.14 -4.47 -29.26
CA GLY B 66 26.15 -3.42 -29.23
C GLY B 66 25.95 -2.38 -28.15
N HIS B 67 24.71 -2.23 -27.69
CA HIS B 67 24.42 -1.24 -26.66
C HIS B 67 23.99 -1.83 -25.31
N GLU B 68 24.35 -3.09 -25.07
CA GLU B 68 24.00 -3.74 -23.81
C GLU B 68 24.32 -2.78 -22.67
N ARG B 69 25.47 -2.10 -22.78
CA ARG B 69 25.95 -1.15 -21.79
C ARG B 69 24.93 -0.12 -21.31
N ASP B 70 24.08 0.36 -22.23
CA ASP B 70 23.07 1.38 -21.90
C ASP B 70 22.29 1.15 -20.60
N VAL B 71 21.87 -0.08 -20.34
CA VAL B 71 21.13 -0.37 -19.13
C VAL B 71 21.89 0.07 -17.87
N PHE B 72 23.20 0.19 -17.97
CA PHE B 72 23.99 0.62 -16.83
C PHE B 72 24.11 2.14 -16.75
N ARG B 73 23.74 2.82 -17.83
CA ARG B 73 23.80 4.28 -17.83
C ARG B 73 22.46 4.80 -17.34
N ASN B 74 21.39 4.12 -17.74
CA ASN B 74 20.05 4.52 -17.35
C ASN B 74 19.25 3.28 -16.98
N PRO B 75 18.75 3.24 -15.74
CA PRO B 75 17.97 2.11 -15.24
C PRO B 75 16.52 2.05 -15.68
N TYR B 76 16.10 2.96 -16.54
CA TYR B 76 14.70 2.94 -16.95
C TYR B 76 14.50 2.57 -18.40
N ILE B 77 15.56 2.16 -19.08
CA ILE B 77 15.41 1.86 -20.50
C ILE B 77 15.18 0.41 -20.89
N ALA B 78 15.40 -0.51 -19.96
CA ALA B 78 15.18 -1.93 -20.22
C ALA B 78 14.17 -2.49 -19.21
N TYR B 79 13.14 -3.17 -19.70
CA TYR B 79 12.11 -3.69 -18.82
C TYR B 79 11.07 -4.45 -19.63
N ASN B 80 10.29 -5.28 -18.98
CA ASN B 80 9.22 -5.99 -19.67
C ASN B 80 8.10 -4.98 -19.81
N CYS B 81 7.65 -4.74 -21.05
CA CYS B 81 6.56 -3.80 -21.29
C CYS B 81 5.22 -4.51 -21.34
N ILE B 82 5.27 -5.84 -21.49
CA ILE B 82 4.06 -6.64 -21.54
C ILE B 82 4.24 -7.99 -20.83
N ARG B 83 3.26 -8.35 -20.00
CA ARG B 83 3.27 -9.60 -19.25
C ARG B 83 1.89 -10.21 -19.40
N ILE B 84 1.83 -11.51 -19.69
CA ILE B 84 0.55 -12.16 -19.81
C ILE B 84 0.46 -13.11 -18.63
N VAL B 85 -0.60 -12.95 -17.84
CA VAL B 85 -0.79 -13.84 -16.70
C VAL B 85 -2.20 -14.37 -16.81
N GLY B 86 -2.30 -15.65 -17.17
CA GLY B 86 -3.60 -16.26 -17.34
C GLY B 86 -4.39 -15.52 -18.41
N ASP B 87 -5.59 -15.09 -18.05
CA ASP B 87 -6.45 -14.39 -18.97
C ASP B 87 -6.15 -12.89 -18.97
N THR B 88 -5.14 -12.47 -18.22
CA THR B 88 -4.83 -11.05 -18.09
C THR B 88 -3.59 -10.54 -18.80
N ALA B 89 -3.75 -9.42 -19.50
CA ALA B 89 -2.64 -8.79 -20.20
C ALA B 89 -2.25 -7.52 -19.43
N VAL B 90 -0.95 -7.37 -19.18
CA VAL B 90 -0.43 -6.22 -18.47
C VAL B 90 0.57 -5.48 -19.35
N VAL B 91 0.47 -4.15 -19.36
CA VAL B 91 1.38 -3.34 -20.15
C VAL B 91 1.79 -2.11 -19.36
N SER B 92 3.08 -1.74 -19.47
CA SER B 92 3.57 -0.57 -18.77
C SER B 92 4.91 -0.14 -19.37
N ASN B 93 5.31 1.09 -19.04
CA ASN B 93 6.56 1.65 -19.54
C ASN B 93 7.76 1.36 -18.65
N GLY B 94 7.65 0.38 -17.76
CA GLY B 94 8.78 0.09 -16.89
C GLY B 94 8.68 -1.19 -16.10
N SER B 95 9.64 -1.39 -15.21
CA SER B 95 9.71 -2.60 -14.40
C SER B 95 8.45 -2.88 -13.58
N HIS B 96 7.57 -1.88 -13.44
CA HIS B 96 6.35 -2.12 -12.68
C HIS B 96 5.40 -3.06 -13.41
N THR B 97 5.73 -3.39 -14.66
CA THR B 97 4.92 -4.32 -15.44
C THR B 97 4.94 -5.63 -14.67
N ASP B 98 6.12 -5.99 -14.18
CA ASP B 98 6.27 -7.22 -13.41
C ASP B 98 5.63 -7.11 -12.04
N THR B 99 5.72 -5.94 -11.43
CA THR B 99 5.14 -5.74 -10.12
C THR B 99 3.63 -5.95 -10.19
N ILE B 100 3.01 -5.38 -11.21
CA ILE B 100 1.57 -5.51 -11.40
C ILE B 100 1.15 -6.93 -11.79
N ALA B 101 1.80 -7.50 -12.78
CA ALA B 101 1.48 -8.85 -13.24
C ALA B 101 1.60 -9.86 -12.11
N ASP B 102 2.65 -9.73 -11.30
CA ASP B 102 2.84 -10.65 -10.18
C ASP B 102 1.66 -10.61 -9.21
N LYS B 103 1.14 -9.41 -8.94
CA LYS B 103 0.03 -9.25 -8.02
C LYS B 103 -1.23 -9.87 -8.60
N VAL B 104 -1.40 -9.72 -9.90
CA VAL B 104 -2.58 -10.28 -10.56
C VAL B 104 -2.45 -11.80 -10.49
N ALA B 105 -1.25 -12.30 -10.74
CA ALA B 105 -0.98 -13.73 -10.68
C ALA B 105 -1.30 -14.29 -9.29
N LEU B 106 -0.93 -13.55 -8.25
CA LEU B 106 -1.18 -13.99 -6.89
C LEU B 106 -2.59 -13.64 -6.39
N GLY B 107 -3.40 -13.04 -7.25
CA GLY B 107 -4.76 -12.69 -6.85
C GLY B 107 -4.91 -11.29 -6.30
N MET B 108 -5.27 -10.37 -7.18
CA MET B 108 -5.50 -9.00 -6.81
C MET B 108 -6.21 -8.41 -7.99
N ASN B 109 -7.33 -7.75 -7.74
CA ASN B 109 -8.09 -7.14 -8.82
C ASN B 109 -7.18 -6.17 -9.55
N LEU B 110 -7.48 -5.93 -10.82
CA LEU B 110 -6.67 -5.04 -11.65
C LEU B 110 -6.45 -3.63 -11.07
N ARG B 111 -7.53 -2.96 -10.67
CA ARG B 111 -7.38 -1.61 -10.13
C ARG B 111 -6.34 -1.55 -9.00
N ASP B 112 -6.50 -2.39 -7.98
CA ASP B 112 -5.57 -2.40 -6.86
C ASP B 112 -4.15 -2.78 -7.28
N ALA B 113 -4.02 -3.79 -8.11
CA ALA B 113 -2.70 -4.24 -8.56
C ALA B 113 -1.95 -3.08 -9.23
N ILE B 114 -2.65 -2.29 -10.04
CA ILE B 114 -2.03 -1.16 -10.69
C ILE B 114 -1.81 -0.06 -9.64
N GLY B 115 -2.85 0.22 -8.87
CA GLY B 115 -2.75 1.24 -7.82
C GLY B 115 -1.60 1.02 -6.85
N LEU B 116 -1.55 -0.17 -6.26
CA LEU B 116 -0.49 -0.46 -5.30
C LEU B 116 0.90 -0.32 -5.91
N SER B 117 1.09 -0.87 -7.10
CA SER B 117 2.39 -0.82 -7.74
C SER B 117 2.86 0.59 -8.06
N LEU B 118 1.96 1.38 -8.65
CA LEU B 118 2.32 2.74 -9.00
C LEU B 118 2.57 3.59 -7.77
N LEU B 119 1.73 3.43 -6.75
CA LEU B 119 1.89 4.18 -5.50
C LEU B 119 3.26 3.92 -4.89
N ALA B 120 3.69 2.67 -4.90
CA ALA B 120 4.98 2.32 -4.33
C ALA B 120 6.16 2.71 -5.23
N MET B 121 6.11 2.27 -6.50
CA MET B 121 7.18 2.55 -7.46
C MET B 121 7.35 4.06 -7.66
N ASP B 122 6.23 4.74 -7.87
CA ASP B 122 6.24 6.18 -8.06
C ASP B 122 6.82 6.58 -9.40
N TYR B 123 6.84 7.89 -9.67
CA TYR B 123 7.40 8.37 -10.94
C TYR B 123 8.90 8.08 -10.99
N GLU B 124 9.45 8.02 -12.19
CA GLU B 124 10.87 7.73 -12.35
C GLU B 124 11.71 8.94 -11.97
N LYS B 125 12.82 8.67 -11.31
CA LYS B 125 13.68 9.74 -10.86
C LYS B 125 14.70 10.21 -11.87
N ASP B 126 14.25 10.68 -13.02
CA ASP B 126 15.14 11.18 -14.05
C ASP B 126 14.99 12.70 -14.13
N GLU B 127 15.66 13.32 -15.08
CA GLU B 127 15.61 14.76 -15.21
C GLU B 127 14.23 15.27 -15.61
N LEU B 128 13.32 14.37 -15.89
CA LEU B 128 11.97 14.77 -16.27
C LEU B 128 10.89 14.25 -15.32
N ASN B 129 11.28 13.49 -14.30
CA ASN B 129 10.30 12.91 -13.37
C ASN B 129 9.33 12.12 -14.21
N THR B 130 9.87 11.44 -15.21
CA THR B 130 9.07 10.63 -16.11
C THR B 130 8.09 9.76 -15.35
N PRO B 131 6.79 9.88 -15.69
CA PRO B 131 5.71 9.12 -15.05
C PRO B 131 5.79 7.65 -15.33
N ARG B 132 5.10 6.86 -14.50
CA ARG B 132 5.02 5.44 -14.71
C ARG B 132 3.58 5.29 -15.10
N ILE B 133 3.36 4.62 -16.24
CA ILE B 133 2.02 4.38 -16.76
C ILE B 133 1.82 2.88 -16.88
N ALA B 134 0.56 2.45 -16.87
CA ALA B 134 0.28 1.03 -17.00
C ALA B 134 -1.19 0.80 -17.27
N ALA B 135 -1.50 -0.42 -17.70
CA ALA B 135 -2.86 -0.81 -17.96
C ALA B 135 -2.87 -2.33 -17.92
N ALA B 136 -4.03 -2.89 -17.59
CA ALA B 136 -4.19 -4.33 -17.52
C ALA B 136 -5.61 -4.64 -17.99
N ILE B 137 -5.76 -5.75 -18.71
CA ILE B 137 -7.06 -6.12 -19.21
C ILE B 137 -7.26 -7.63 -19.19
N ASN B 138 -8.48 -8.03 -18.83
CA ASN B 138 -8.82 -9.44 -18.80
C ASN B 138 -10.19 -9.63 -19.46
N GLY B 139 -10.78 -10.79 -19.28
CA GLY B 139 -12.06 -11.06 -19.90
C GLY B 139 -13.19 -10.10 -19.62
N SER B 140 -13.29 -9.58 -18.40
CA SER B 140 -14.41 -8.69 -18.06
C SER B 140 -14.14 -7.20 -17.85
N GLU B 141 -12.93 -6.87 -17.43
CA GLU B 141 -12.62 -5.46 -17.20
C GLU B 141 -11.21 -5.08 -17.58
N ALA B 142 -10.96 -3.77 -17.56
CA ALA B 142 -9.65 -3.24 -17.89
C ALA B 142 -9.43 -1.92 -17.15
N PHE B 143 -8.20 -1.70 -16.71
CA PHE B 143 -7.85 -0.47 -16.01
C PHE B 143 -6.57 0.13 -16.57
N ILE B 144 -6.47 1.43 -16.44
CA ILE B 144 -5.30 2.15 -16.93
C ILE B 144 -4.91 3.13 -15.82
N GLY B 145 -3.61 3.35 -15.64
CA GLY B 145 -3.18 4.25 -14.60
C GLY B 145 -1.86 4.94 -14.84
N ILE B 146 -1.61 5.97 -14.05
CA ILE B 146 -0.38 6.73 -14.17
C ILE B 146 -0.04 7.36 -12.83
N VAL B 147 1.26 7.52 -12.59
CA VAL B 147 1.72 8.15 -11.36
C VAL B 147 2.79 9.17 -11.76
N THR B 148 2.64 10.38 -11.26
CA THR B 148 3.57 11.46 -11.60
C THR B 148 3.90 12.30 -10.38
N ALA B 149 4.79 13.26 -10.56
CA ALA B 149 5.16 14.13 -9.47
C ALA B 149 3.97 14.90 -8.92
N ASP B 150 2.88 15.01 -9.70
CA ASP B 150 1.68 15.74 -9.27
C ASP B 150 0.53 14.86 -8.79
N GLY B 151 0.68 13.54 -8.89
CA GLY B 151 -0.42 12.70 -8.44
C GLY B 151 -0.39 11.26 -8.89
N LEU B 152 -1.50 10.59 -8.61
CA LEU B 152 -1.70 9.20 -8.95
C LEU B 152 -3.11 9.05 -9.49
N MET B 153 -3.23 8.28 -10.56
CA MET B 153 -4.54 8.05 -11.15
C MET B 153 -4.64 6.66 -11.75
N VAL B 154 -5.73 5.98 -11.41
CA VAL B 154 -6.02 4.64 -11.92
C VAL B 154 -7.51 4.65 -12.19
N SER B 155 -7.88 4.32 -13.42
CA SER B 155 -9.30 4.34 -13.73
C SER B 155 -9.74 3.25 -14.67
N ARG B 156 -11.02 2.91 -14.56
CA ARG B 156 -11.61 1.89 -15.40
C ARG B 156 -11.64 2.32 -16.86
N VAL B 157 -11.20 1.43 -17.75
CA VAL B 157 -11.22 1.73 -19.17
C VAL B 157 -12.66 1.50 -19.63
N PRO B 158 -13.29 2.51 -20.25
CA PRO B 158 -14.67 2.35 -20.71
C PRO B 158 -14.72 1.22 -21.75
N GLU B 159 -15.69 0.31 -21.60
CA GLU B 159 -15.80 -0.81 -22.53
C GLU B 159 -16.18 -0.31 -23.91
N GLU B 160 -16.84 0.84 -23.93
CA GLU B 160 -17.29 1.48 -25.16
C GLU B 160 -16.16 1.94 -26.09
N THR B 161 -14.94 2.05 -25.57
CA THR B 161 -13.84 2.52 -26.40
C THR B 161 -12.42 2.34 -25.84
N PRO B 162 -11.47 1.99 -26.71
CA PRO B 162 -10.07 1.79 -26.31
C PRO B 162 -9.50 3.15 -25.97
N VAL B 163 -8.50 3.17 -25.09
CA VAL B 163 -7.85 4.41 -24.69
C VAL B 163 -6.34 4.21 -24.74
N TYR B 164 -5.61 5.31 -24.65
CA TYR B 164 -4.16 5.26 -24.64
C TYR B 164 -3.65 6.38 -23.74
N ILE B 165 -2.39 6.27 -23.32
CA ILE B 165 -1.80 7.27 -22.45
C ILE B 165 -0.30 7.25 -22.69
N SER B 166 0.36 8.35 -22.39
CA SER B 166 1.82 8.44 -22.60
C SER B 166 2.51 9.08 -21.40
N THR B 167 3.83 9.03 -21.39
CA THR B 167 4.58 9.61 -20.29
C THR B 167 4.73 11.12 -20.42
N TYR B 168 4.60 11.63 -21.65
CA TYR B 168 4.71 13.06 -21.87
C TYR B 168 3.52 13.58 -22.67
N GLU B 169 3.04 14.75 -22.27
CA GLU B 169 1.92 15.40 -22.94
C GLU B 169 0.60 14.70 -22.64
N GLN B 170 0.38 13.55 -23.27
CA GLN B 170 -0.87 12.83 -23.07
C GLN B 170 -0.84 12.02 -21.77
N THR B 171 -0.74 12.73 -20.66
CA THR B 171 -0.65 12.09 -19.35
C THR B 171 -1.99 11.80 -18.68
N GLU B 172 -2.99 11.50 -19.48
CA GLU B 172 -4.30 11.13 -18.98
C GLU B 172 -4.92 10.32 -20.10
N PRO B 173 -5.78 9.35 -19.78
CA PRO B 173 -6.38 8.55 -20.85
C PRO B 173 -7.02 9.38 -21.94
N ALA B 174 -6.84 8.94 -23.19
CA ALA B 174 -7.40 9.60 -24.35
C ALA B 174 -8.02 8.55 -25.24
N ALA B 175 -9.28 8.75 -25.63
CA ALA B 175 -9.99 7.80 -26.48
C ALA B 175 -9.30 7.66 -27.83
N THR B 176 -9.39 6.46 -28.40
CA THR B 176 -8.77 6.23 -29.69
C THR B 176 -9.48 5.10 -30.40
N GLU B 177 -9.68 5.27 -31.69
CA GLU B 177 -10.30 4.23 -32.49
C GLU B 177 -9.11 3.37 -32.85
N PHE B 178 -8.91 2.31 -32.08
CA PHE B 178 -7.79 1.40 -32.29
C PHE B 178 -8.23 0.20 -33.12
N LYS B 179 -8.01 0.27 -34.44
CA LYS B 179 -8.40 -0.83 -35.30
C LYS B 179 -7.24 -1.81 -35.44
N ALA B 180 -7.52 -3.07 -35.13
CA ALA B 180 -6.53 -4.13 -35.22
C ALA B 180 -7.24 -5.44 -34.93
N GLY B 181 -6.83 -6.49 -35.65
CA GLY B 181 -7.44 -7.79 -35.45
C GLY B 181 -6.43 -8.84 -35.03
N SER B 182 -5.20 -8.40 -34.77
CA SER B 182 -4.13 -9.30 -34.35
C SER B 182 -3.02 -8.53 -33.65
N PRO B 183 -2.16 -9.23 -32.90
CA PRO B 183 -1.08 -8.55 -32.19
C PRO B 183 -0.16 -7.80 -33.14
N GLU B 184 0.08 -8.37 -34.31
CA GLU B 184 0.95 -7.75 -35.30
C GLU B 184 0.36 -6.42 -35.75
N GLU B 185 -0.94 -6.43 -36.08
CA GLU B 185 -1.63 -5.21 -36.50
C GLU B 185 -1.67 -4.19 -35.38
N ALA B 186 -1.95 -4.67 -34.17
CA ALA B 186 -2.01 -3.80 -33.00
C ALA B 186 -0.66 -3.09 -32.81
N ALA B 187 0.42 -3.86 -32.88
CA ALA B 187 1.76 -3.28 -32.70
C ALA B 187 2.07 -2.26 -33.79
N GLU B 188 1.72 -2.61 -35.02
CA GLU B 188 1.95 -1.75 -36.17
C GLU B 188 1.17 -0.44 -36.04
N PHE B 189 -0.07 -0.54 -35.58
CA PHE B 189 -0.91 0.64 -35.44
C PHE B 189 -0.43 1.66 -34.42
N ILE B 190 0.00 1.22 -33.25
CA ILE B 190 0.47 2.16 -32.23
C ILE B 190 1.81 2.74 -32.65
N LEU B 191 2.45 2.06 -33.60
CA LEU B 191 3.74 2.51 -34.10
C LEU B 191 3.63 3.52 -35.25
N LYS B 192 2.68 3.29 -36.17
CA LYS B 192 2.53 4.17 -37.34
C LYS B 192 1.09 4.54 -37.70
N GLY B 193 0.14 3.76 -37.20
CA GLY B 193 -1.26 4.02 -37.53
C GLY B 193 -1.91 5.27 -36.96
N GLY B 194 -3.13 5.53 -37.43
CA GLY B 194 -3.94 6.66 -37.02
C GLY B 194 -3.23 7.83 -36.37
N GLU B 195 -3.81 8.31 -35.27
CA GLU B 195 -3.27 9.43 -34.53
C GLU B 195 -1.81 9.22 -34.10
N PHE B 196 -1.41 7.96 -33.93
CA PHE B 196 -0.06 7.65 -33.51
C PHE B 196 1.02 7.99 -34.52
N ALA B 197 0.64 8.12 -35.78
CA ALA B 197 1.61 8.45 -36.81
C ALA B 197 2.22 9.82 -36.56
N ALA B 198 1.43 10.71 -35.96
CA ALA B 198 1.87 12.08 -35.66
C ALA B 198 2.80 12.21 -34.47
N PHE B 199 2.86 11.20 -33.60
CA PHE B 199 3.72 11.25 -32.44
C PHE B 199 5.14 10.89 -32.88
N THR B 200 6.04 11.82 -32.63
CA THR B 200 7.44 11.72 -33.02
C THR B 200 8.37 10.75 -32.32
N HIS B 201 9.46 10.44 -33.03
CA HIS B 201 10.50 9.55 -32.56
C HIS B 201 10.12 8.10 -32.27
N PRO B 202 9.39 7.45 -33.18
CA PRO B 202 9.01 6.05 -32.96
C PRO B 202 10.30 5.24 -33.01
N VAL B 203 10.38 4.19 -32.21
CA VAL B 203 11.58 3.35 -32.18
C VAL B 203 11.21 1.88 -32.34
N THR B 204 10.28 1.42 -31.51
CA THR B 204 9.84 0.04 -31.54
C THR B 204 8.49 -0.09 -30.83
N ALA B 205 7.79 -1.17 -31.09
CA ALA B 205 6.47 -1.37 -30.48
C ALA B 205 6.19 -2.86 -30.30
N ALA B 206 5.18 -3.17 -29.50
CA ALA B 206 4.79 -4.56 -29.25
C ALA B 206 3.32 -4.56 -28.86
N ALA B 207 2.68 -5.71 -28.91
CA ALA B 207 1.28 -5.77 -28.54
C ALA B 207 0.85 -7.17 -28.19
N ALA B 208 -0.31 -7.27 -27.55
CA ALA B 208 -0.86 -8.56 -27.16
C ALA B 208 -2.32 -8.50 -27.56
N PHE B 209 -2.77 -9.51 -28.31
CA PHE B 209 -4.14 -9.54 -28.77
C PHE B 209 -4.83 -10.82 -28.34
N ASN B 210 -6.13 -10.73 -28.10
CA ASN B 210 -6.91 -11.90 -27.71
C ASN B 210 -8.25 -11.87 -28.44
N ASP B 211 -8.36 -12.74 -29.45
CA ASP B 211 -9.59 -12.84 -30.24
C ASP B 211 -10.57 -13.82 -29.59
N GLY B 212 -10.21 -14.31 -28.41
CA GLY B 212 -11.05 -15.25 -27.70
C GLY B 212 -10.38 -16.59 -27.45
N GLU B 213 -9.30 -16.86 -28.19
CA GLU B 213 -8.59 -18.11 -28.04
C GLU B 213 -7.28 -17.97 -27.30
N GLY B 214 -7.09 -16.80 -26.69
CA GLY B 214 -5.86 -16.57 -25.94
C GLY B 214 -5.03 -15.37 -26.37
N TRP B 215 -4.10 -15.02 -25.51
CA TRP B 215 -3.23 -13.89 -25.78
C TRP B 215 -2.07 -14.28 -26.70
N ASN B 216 -1.86 -13.46 -27.73
CA ASN B 216 -0.77 -13.67 -28.67
C ASN B 216 0.07 -12.41 -28.66
N LEU B 217 1.37 -12.57 -28.84
CA LEU B 217 2.27 -11.43 -28.83
C LEU B 217 2.85 -11.15 -30.21
N ALA B 218 3.35 -9.92 -30.37
CA ALA B 218 3.95 -9.50 -31.62
C ALA B 218 4.72 -8.21 -31.41
N THR B 219 5.70 -7.96 -32.27
CA THR B 219 6.50 -6.76 -32.20
C THR B 219 6.57 -6.15 -33.60
N ARG B 220 6.89 -4.86 -33.67
CA ARG B 220 7.00 -4.16 -34.94
C ARG B 220 8.09 -3.11 -34.87
N GLU B 221 8.99 -3.11 -35.86
CA GLU B 221 10.07 -2.14 -35.92
C GLU B 221 9.68 -1.08 -36.94
N MET B 222 10.44 0.02 -36.97
CA MET B 222 10.15 1.08 -37.93
C MET B 222 10.49 0.64 -39.36
N ARG C 17 18.61 -25.96 8.56
CA ARG C 17 19.31 -25.49 9.81
C ARG C 17 20.86 -25.64 9.78
N GLY C 18 21.44 -26.16 10.87
CA GLY C 18 22.88 -26.34 11.04
C GLY C 18 23.82 -26.57 9.84
N SER C 19 23.63 -27.65 9.11
CA SER C 19 24.47 -27.93 7.94
C SER C 19 24.30 -26.95 6.78
N HIS C 20 23.29 -26.09 6.85
CA HIS C 20 23.02 -25.10 5.81
C HIS C 20 23.63 -23.75 6.20
N MET C 21 24.90 -23.56 5.82
CA MET C 21 25.63 -22.34 6.15
C MET C 21 25.67 -21.33 5.02
N TYR C 22 24.76 -21.47 4.08
CA TYR C 22 24.68 -20.56 2.97
C TYR C 22 23.46 -19.70 3.17
N LEU C 23 23.68 -18.44 3.53
CA LEU C 23 22.59 -17.50 3.77
C LEU C 23 22.22 -16.66 2.57
N GLY C 24 23.03 -16.71 1.52
CA GLY C 24 22.75 -15.92 0.35
C GLY C 24 23.07 -14.46 0.66
N ARG C 25 22.23 -13.54 0.20
CA ARG C 25 22.45 -12.12 0.44
C ARG C 25 22.20 -11.75 1.91
N ILE C 26 23.11 -10.97 2.48
CA ILE C 26 23.01 -10.58 3.89
C ILE C 26 23.15 -9.08 4.11
N LEU C 27 22.43 -8.57 5.10
CA LEU C 27 22.53 -7.16 5.44
C LEU C 27 22.43 -7.03 6.95
N ALA C 28 23.11 -6.02 7.48
CA ALA C 28 23.10 -5.77 8.91
C ALA C 28 22.89 -4.29 9.06
N VAL C 29 22.36 -3.88 10.20
CA VAL C 29 22.08 -2.48 10.46
C VAL C 29 22.05 -2.26 11.96
N GLY C 30 22.41 -1.05 12.39
CA GLY C 30 22.39 -0.76 13.80
C GLY C 30 23.41 0.28 14.20
N ARG C 31 23.66 0.36 15.51
CA ARG C 31 24.62 1.31 16.04
C ARG C 31 25.54 0.61 17.02
N ASN C 32 26.76 1.11 17.13
CA ASN C 32 27.73 0.58 18.08
C ASN C 32 28.40 1.82 18.69
N SER C 33 29.38 1.60 19.55
CA SER C 33 30.09 2.72 20.19
C SER C 33 30.70 3.76 19.25
N ASN C 34 31.02 3.37 18.03
CA ASN C 34 31.64 4.28 17.08
C ASN C 34 30.68 5.02 16.15
N GLY C 35 29.46 4.55 16.04
CA GLY C 35 28.48 5.21 15.17
C GLY C 35 27.38 4.31 14.62
N SER C 36 26.67 4.80 13.60
CA SER C 36 25.58 4.07 12.98
C SER C 36 26.04 3.44 11.67
N PHE C 37 25.33 2.42 11.20
CA PHE C 37 25.75 1.76 9.97
C PHE C 37 24.78 0.78 9.35
N VAL C 38 25.09 0.42 8.11
CA VAL C 38 24.36 -0.58 7.36
C VAL C 38 25.46 -1.30 6.59
N ALA C 39 25.41 -2.61 6.57
CA ALA C 39 26.39 -3.40 5.86
C ALA C 39 25.62 -4.32 4.93
N TYR C 40 26.27 -4.72 3.85
CA TYR C 40 25.62 -5.59 2.90
C TYR C 40 26.66 -6.51 2.31
N ARG C 41 26.27 -7.77 2.09
CA ARG C 41 27.18 -8.72 1.51
C ARG C 41 26.47 -9.62 0.53
N VAL C 42 27.11 -9.81 -0.62
CA VAL C 42 26.56 -10.69 -1.63
C VAL C 42 27.22 -12.06 -1.46
N SER C 43 26.38 -13.08 -1.32
CA SER C 43 26.86 -14.44 -1.22
C SER C 43 26.15 -15.05 -2.40
N SER C 44 26.85 -15.80 -3.23
CA SER C 44 26.21 -16.37 -4.37
C SER C 44 26.91 -17.63 -4.86
N ARG C 45 26.15 -18.47 -5.56
CA ARG C 45 26.67 -19.71 -6.11
C ARG C 45 26.56 -19.62 -7.61
N SER C 46 25.36 -19.33 -8.09
CA SER C 46 25.10 -19.23 -9.53
C SER C 46 25.63 -17.97 -10.21
N PHE C 47 25.84 -16.91 -9.43
CA PHE C 47 26.37 -15.65 -10.01
C PHE C 47 27.43 -15.06 -9.11
N PRO C 48 28.65 -15.61 -9.15
CA PRO C 48 29.73 -15.09 -8.32
C PRO C 48 30.54 -14.02 -9.03
N ASN C 49 30.24 -13.79 -10.31
CA ASN C 49 30.96 -12.80 -11.10
C ASN C 49 30.43 -11.38 -10.90
N ARG C 50 30.43 -10.93 -9.65
CA ARG C 50 29.94 -9.60 -9.35
C ARG C 50 30.81 -8.88 -8.33
N THR C 51 30.64 -7.57 -8.27
CA THR C 51 31.40 -6.75 -7.34
C THR C 51 30.54 -5.56 -6.93
N THR C 52 31.03 -4.76 -5.99
CA THR C 52 30.30 -3.58 -5.58
C THR C 52 30.99 -2.36 -6.17
N SER C 53 30.18 -1.36 -6.50
CA SER C 53 30.66 -0.13 -7.10
C SER C 53 30.09 1.07 -6.37
N ILE C 54 30.94 2.05 -6.08
CA ILE C 54 30.46 3.22 -5.40
C ILE C 54 30.23 4.33 -6.40
N GLN C 55 29.06 4.94 -6.31
CA GLN C 55 28.70 6.04 -7.19
C GLN C 55 28.12 7.10 -6.26
N GLU C 56 27.63 8.20 -6.81
CA GLU C 56 27.09 9.25 -5.98
C GLU C 56 26.05 8.81 -4.93
N GLU C 57 26.48 8.78 -3.68
CA GLU C 57 25.61 8.41 -2.57
C GLU C 57 24.88 7.07 -2.66
N ARG C 58 25.51 6.11 -3.31
CA ARG C 58 24.91 4.79 -3.45
C ARG C 58 25.98 3.77 -3.81
N VAL C 59 25.69 2.50 -3.51
CA VAL C 59 26.61 1.42 -3.83
C VAL C 59 25.83 0.45 -4.66
N ALA C 60 26.34 0.12 -5.83
CA ALA C 60 25.64 -0.81 -6.70
C ALA C 60 26.34 -2.16 -6.77
N VAL C 61 25.55 -3.23 -6.80
CA VAL C 61 26.09 -4.57 -6.94
C VAL C 61 26.00 -4.77 -8.45
N VAL C 62 27.14 -4.92 -9.11
CA VAL C 62 27.15 -5.07 -10.56
C VAL C 62 28.05 -6.20 -11.05
N PRO C 63 27.87 -6.61 -12.31
CA PRO C 63 28.71 -7.68 -12.85
C PRO C 63 30.12 -7.15 -13.06
N VAL C 64 31.11 -8.01 -12.85
CA VAL C 64 32.51 -7.62 -13.07
C VAL C 64 32.68 -7.56 -14.59
N GLU C 65 33.72 -6.90 -15.06
CA GLU C 65 33.92 -6.79 -16.50
C GLU C 65 33.85 -8.15 -17.18
N GLY C 66 33.23 -8.19 -18.35
CA GLY C 66 33.10 -9.43 -19.09
C GLY C 66 31.76 -10.12 -18.94
N HIS C 67 31.07 -9.86 -17.83
CA HIS C 67 29.78 -10.49 -17.58
C HIS C 67 28.59 -9.54 -17.61
N GLU C 68 28.75 -8.39 -18.25
CA GLU C 68 27.67 -7.43 -18.36
C GLU C 68 26.40 -8.18 -18.73
N ARG C 69 26.52 -9.14 -19.63
CA ARG C 69 25.41 -9.96 -20.12
C ARG C 69 24.50 -10.55 -19.04
N ASP C 70 25.09 -10.99 -17.93
CA ASP C 70 24.35 -11.60 -16.84
C ASP C 70 23.03 -10.91 -16.46
N VAL C 71 23.05 -9.58 -16.37
CA VAL C 71 21.83 -8.86 -16.00
C VAL C 71 20.66 -9.21 -16.91
N PHE C 72 20.95 -9.71 -18.10
CA PHE C 72 19.89 -10.06 -19.03
C PHE C 72 19.43 -11.50 -18.84
N ARG C 73 20.21 -12.29 -18.11
CA ARG C 73 19.85 -13.66 -17.84
C ARG C 73 19.01 -13.72 -16.57
N ASN C 74 19.37 -12.88 -15.61
CA ASN C 74 18.69 -12.81 -14.34
C ASN C 74 18.52 -11.35 -13.93
N PRO C 75 17.28 -10.92 -13.74
CA PRO C 75 16.96 -9.55 -13.36
C PRO C 75 17.13 -9.19 -11.89
N TYR C 76 17.66 -10.11 -11.08
CA TYR C 76 17.81 -9.81 -9.68
C TYR C 76 19.25 -9.74 -9.22
N ILE C 77 20.18 -9.79 -10.16
CA ILE C 77 21.59 -9.77 -9.77
C ILE C 77 22.28 -8.43 -9.79
N ALA C 78 21.67 -7.41 -10.38
CA ALA C 78 22.26 -6.07 -10.42
C ALA C 78 21.28 -5.07 -9.83
N TYR C 79 21.74 -4.27 -8.85
CA TYR C 79 20.85 -3.32 -8.19
C TYR C 79 21.66 -2.52 -7.18
N ASN C 80 21.11 -1.37 -6.76
CA ASN C 80 21.79 -0.58 -5.75
C ASN C 80 21.49 -1.26 -4.42
N CYS C 81 22.53 -1.63 -3.69
CA CYS C 81 22.33 -2.29 -2.40
C CYS C 81 22.31 -1.28 -1.26
N ILE C 82 22.84 -0.08 -1.53
CA ILE C 82 22.87 0.99 -0.55
C ILE C 82 22.57 2.37 -1.17
N ARG C 83 21.69 3.13 -0.52
CA ARG C 83 21.31 4.47 -0.96
C ARG C 83 21.36 5.38 0.27
N ILE C 84 22.00 6.52 0.13
CA ILE C 84 22.06 7.47 1.23
C ILE C 84 21.16 8.63 0.84
N VAL C 85 20.17 8.94 1.67
CA VAL C 85 19.28 10.05 1.43
C VAL C 85 19.29 10.91 2.69
N GLY C 86 19.96 12.06 2.60
CA GLY C 86 20.05 12.92 3.75
C GLY C 86 20.74 12.21 4.89
N ASP C 87 20.08 12.20 6.04
CA ASP C 87 20.63 11.57 7.22
C ASP C 87 20.29 10.08 7.26
N THR C 88 19.62 9.57 6.22
CA THR C 88 19.21 8.17 6.20
C THR C 88 19.99 7.23 5.28
N ALA C 89 20.32 6.06 5.82
CA ALA C 89 21.02 5.03 5.06
C ALA C 89 20.01 3.90 4.79
N VAL C 90 19.95 3.45 3.55
CA VAL C 90 19.04 2.39 3.13
C VAL C 90 19.85 1.26 2.55
N VAL C 91 19.48 0.03 2.92
CA VAL C 91 20.19 -1.14 2.41
C VAL C 91 19.18 -2.26 2.06
N SER C 92 19.43 -2.94 0.96
CA SER C 92 18.54 -4.03 0.56
C SER C 92 19.22 -4.91 -0.48
N ASN C 93 18.69 -6.10 -0.67
CA ASN C 93 19.25 -7.06 -1.62
C ASN C 93 18.70 -6.90 -3.04
N GLY C 94 18.08 -5.77 -3.36
CA GLY C 94 17.50 -5.61 -4.68
C GLY C 94 17.05 -4.21 -5.03
N SER C 95 16.43 -4.08 -6.19
CA SER C 95 15.98 -2.79 -6.68
C SER C 95 15.09 -2.02 -5.74
N HIS C 96 14.52 -2.69 -4.73
CA HIS C 96 13.64 -2.00 -3.80
C HIS C 96 14.43 -1.00 -2.92
N THR C 97 15.75 -1.06 -2.99
CA THR C 97 16.59 -0.14 -2.25
C THR C 97 16.20 1.25 -2.73
N ASP C 98 16.03 1.39 -4.03
CA ASP C 98 15.65 2.66 -4.62
C ASP C 98 14.23 3.02 -4.29
N THR C 99 13.35 2.02 -4.27
CA THR C 99 11.95 2.26 -3.98
C THR C 99 11.81 2.86 -2.60
N ILE C 100 12.54 2.30 -1.64
CA ILE C 100 12.50 2.73 -0.26
C ILE C 100 13.15 4.10 -0.07
N ALA C 101 14.38 4.25 -0.57
CA ALA C 101 15.12 5.50 -0.45
C ALA C 101 14.32 6.67 -1.05
N ASP C 102 13.69 6.44 -2.19
CA ASP C 102 12.89 7.48 -2.82
C ASP C 102 11.76 7.96 -1.92
N LYS C 103 11.09 7.03 -1.24
CA LYS C 103 9.98 7.36 -0.35
C LYS C 103 10.48 8.13 0.84
N VAL C 104 11.64 7.75 1.34
CA VAL C 104 12.21 8.45 2.47
C VAL C 104 12.54 9.86 2.02
N ALA C 105 13.15 9.96 0.83
CA ALA C 105 13.51 11.27 0.28
C ALA C 105 12.29 12.15 0.13
N LEU C 106 11.17 11.57 -0.26
CA LEU C 106 9.95 12.35 -0.46
C LEU C 106 9.14 12.48 0.84
N GLY C 107 9.69 11.99 1.95
CA GLY C 107 8.99 12.09 3.22
C GLY C 107 8.05 10.94 3.53
N MET C 108 8.58 9.97 4.25
CA MET C 108 7.81 8.82 4.67
C MET C 108 8.67 8.19 5.74
N ASN C 109 8.07 7.89 6.88
CA ASN C 109 8.82 7.31 7.96
C ASN C 109 9.43 6.00 7.48
N LEU C 110 10.53 5.58 8.09
CA LEU C 110 11.21 4.36 7.71
C LEU C 110 10.33 3.12 7.67
N ARG C 111 9.59 2.84 8.76
CA ARG C 111 8.75 1.65 8.77
C ARG C 111 7.82 1.56 7.55
N ASP C 112 7.06 2.60 7.27
CA ASP C 112 6.15 2.60 6.14
C ASP C 112 6.86 2.51 4.82
N ALA C 113 7.95 3.25 4.65
CA ALA C 113 8.73 3.23 3.44
C ALA C 113 9.20 1.80 3.13
N ILE C 114 9.64 1.08 4.15
CA ILE C 114 10.07 -0.30 3.94
C ILE C 114 8.83 -1.17 3.72
N GLY C 115 7.83 -0.98 4.58
CA GLY C 115 6.61 -1.76 4.46
C GLY C 115 5.91 -1.63 3.10
N LEU C 116 5.71 -0.39 2.65
CA LEU C 116 5.03 -0.20 1.39
C LEU C 116 5.80 -0.81 0.22
N SER C 117 7.12 -0.64 0.22
CA SER C 117 7.94 -1.13 -0.85
C SER C 117 7.94 -2.65 -0.93
N LEU C 118 8.14 -3.30 0.22
CA LEU C 118 8.18 -4.75 0.24
C LEU C 118 6.83 -5.36 -0.11
N LEU C 119 5.77 -4.75 0.41
CA LEU C 119 4.43 -5.23 0.14
C LEU C 119 4.16 -5.22 -1.35
N ALA C 120 4.55 -4.15 -2.03
CA ALA C 120 4.32 -4.04 -3.47
C ALA C 120 5.28 -4.90 -4.31
N MET C 121 6.58 -4.77 -4.05
CA MET C 121 7.60 -5.51 -4.79
C MET C 121 7.43 -7.00 -4.59
N ASP C 122 7.24 -7.40 -3.34
CA ASP C 122 7.05 -8.79 -3.01
C ASP C 122 8.33 -9.62 -3.15
N TYR C 123 8.25 -10.92 -2.86
CA TYR C 123 9.43 -11.78 -2.98
C TYR C 123 9.79 -11.93 -4.44
N GLU C 124 11.07 -12.25 -4.70
CA GLU C 124 11.53 -12.38 -6.07
C GLU C 124 11.01 -13.67 -6.70
N LYS C 125 10.63 -13.56 -7.97
CA LYS C 125 10.06 -14.70 -8.66
C LYS C 125 11.07 -15.63 -9.32
N ASP C 126 11.97 -16.17 -8.51
CA ASP C 126 12.97 -17.11 -9.03
C ASP C 126 12.61 -18.51 -8.56
N GLU C 127 13.48 -19.47 -8.83
CA GLU C 127 13.23 -20.85 -8.45
C GLU C 127 13.23 -21.06 -6.95
N LEU C 128 13.59 -20.03 -6.20
CA LEU C 128 13.62 -20.13 -4.74
C LEU C 128 12.67 -19.17 -4.04
N ASN C 129 11.93 -18.36 -4.80
CA ASN C 129 11.05 -17.35 -4.22
C ASN C 129 11.88 -16.51 -3.26
N THR C 130 13.11 -16.22 -3.70
CA THR C 130 14.03 -15.44 -2.90
C THR C 130 13.36 -14.20 -2.34
N PRO C 131 13.42 -14.05 -1.00
CA PRO C 131 12.84 -12.91 -0.27
C PRO C 131 13.52 -11.60 -0.57
N ARG C 132 12.80 -10.52 -0.34
CA ARG C 132 13.37 -9.20 -0.48
C ARG C 132 13.56 -8.77 0.97
N ILE C 133 14.77 -8.35 1.29
CA ILE C 133 15.07 -7.88 2.63
C ILE C 133 15.55 -6.42 2.53
N ALA C 134 15.43 -5.67 3.62
CA ALA C 134 15.87 -4.28 3.63
C ALA C 134 15.94 -3.74 5.05
N ALA C 135 16.62 -2.61 5.18
CA ALA C 135 16.75 -1.93 6.46
C ALA C 135 17.09 -0.51 6.14
N ALA C 136 16.73 0.39 7.04
CA ALA C 136 17.02 1.81 6.87
C ALA C 136 17.30 2.37 8.26
N ILE C 137 18.24 3.30 8.33
CA ILE C 137 18.59 3.88 9.61
C ILE C 137 18.92 5.37 9.46
N ASN C 138 18.49 6.14 10.45
CA ASN C 138 18.77 7.57 10.46
C ASN C 138 19.22 7.94 11.88
N GLY C 139 19.26 9.23 12.18
CA GLY C 139 19.70 9.68 13.48
C GLY C 139 18.99 9.13 14.70
N SER C 140 17.67 8.94 14.63
CA SER C 140 16.93 8.47 15.80
C SER C 140 16.38 7.05 15.78
N GLU C 141 16.11 6.50 14.61
CA GLU C 141 15.56 5.14 14.55
C GLU C 141 16.06 4.32 13.37
N ALA C 142 15.75 3.03 13.42
CA ALA C 142 16.15 2.12 12.38
C ALA C 142 15.14 0.98 12.28
N PHE C 143 14.87 0.54 11.05
CA PHE C 143 13.95 -0.56 10.82
C PHE C 143 14.52 -1.56 9.86
N ILE C 144 14.09 -2.81 9.99
CA ILE C 144 14.57 -3.87 9.15
C ILE C 144 13.34 -4.65 8.72
N GLY C 145 13.35 -5.16 7.50
CA GLY C 145 12.19 -5.91 7.02
C GLY C 145 12.47 -6.98 5.98
N ILE C 146 11.49 -7.84 5.78
CA ILE C 146 11.62 -8.90 4.80
C ILE C 146 10.24 -9.31 4.30
N VAL C 147 10.19 -9.75 3.06
CA VAL C 147 8.93 -10.20 2.47
C VAL C 147 9.23 -11.50 1.78
N THR C 148 8.40 -12.50 2.07
CA THR C 148 8.58 -13.81 1.48
C THR C 148 7.27 -14.43 1.03
N ALA C 149 7.35 -15.64 0.48
CA ALA C 149 6.15 -16.32 0.04
C ALA C 149 5.21 -16.63 1.22
N ASP C 150 5.75 -16.59 2.44
CA ASP C 150 4.96 -16.87 3.63
C ASP C 150 4.53 -15.64 4.43
N GLY C 151 4.99 -14.46 4.03
CA GLY C 151 4.57 -13.30 4.77
C GLY C 151 5.40 -12.05 4.58
N LEU C 152 5.12 -11.07 5.43
CA LEU C 152 5.78 -9.78 5.38
C LEU C 152 6.08 -9.38 6.81
N MET C 153 7.27 -8.84 7.01
CA MET C 153 7.66 -8.41 8.35
C MET C 153 8.57 -7.20 8.30
N VAL C 154 8.25 -6.20 9.11
CA VAL C 154 9.03 -4.99 9.21
C VAL C 154 9.04 -4.67 10.70
N SER C 155 10.22 -4.51 11.27
CA SER C 155 10.28 -4.23 12.68
C SER C 155 11.38 -3.29 13.07
N ARG C 156 11.15 -2.61 14.19
CA ARG C 156 12.11 -1.67 14.73
C ARG C 156 13.38 -2.39 15.17
N VAL C 157 14.53 -1.84 14.80
CA VAL C 157 15.80 -2.41 15.21
C VAL C 157 16.04 -1.92 16.65
N PRO C 158 16.29 -2.85 17.59
CA PRO C 158 16.53 -2.44 18.97
C PRO C 158 17.78 -1.58 19.02
N GLU C 159 17.71 -0.45 19.73
CA GLU C 159 18.86 0.46 19.80
C GLU C 159 19.99 -0.21 20.57
N GLU C 160 19.58 -1.12 21.44
CA GLU C 160 20.50 -1.88 22.27
C GLU C 160 21.46 -2.80 21.51
N THR C 161 21.13 -3.14 20.26
CA THR C 161 21.99 -4.03 19.49
C THR C 161 21.75 -4.12 17.99
N PRO C 162 22.84 -4.20 17.21
CA PRO C 162 22.74 -4.30 15.76
C PRO C 162 22.17 -5.64 15.40
N VAL C 163 21.52 -5.74 14.26
CA VAL C 163 20.93 -6.99 13.82
C VAL C 163 21.27 -7.22 12.38
N TYR C 164 21.03 -8.43 11.90
CA TYR C 164 21.28 -8.77 10.50
C TYR C 164 20.23 -9.76 10.04
N ILE C 165 20.06 -9.87 8.74
CA ILE C 165 19.08 -10.78 8.18
C ILE C 165 19.58 -11.22 6.79
N SER C 166 19.11 -12.35 6.31
CA SER C 166 19.53 -12.85 5.01
C SER C 166 18.36 -13.37 4.21
N THR C 167 18.59 -13.68 2.95
CA THR C 167 17.52 -14.19 2.10
C THR C 167 17.27 -15.68 2.31
N TYR C 168 18.26 -16.41 2.82
CA TYR C 168 18.10 -17.83 3.07
C TYR C 168 18.54 -18.17 4.47
N GLU C 169 17.79 -19.08 5.09
CA GLU C 169 18.06 -19.53 6.46
C GLU C 169 17.72 -18.47 7.50
N GLN C 170 18.58 -17.46 7.63
CA GLN C 170 18.36 -16.40 8.61
C GLN C 170 17.37 -15.38 8.09
N THR C 171 16.12 -15.82 7.90
CA THR C 171 15.06 -14.97 7.38
C THR C 171 14.27 -14.21 8.44
N GLU C 172 14.94 -13.83 9.51
CA GLU C 172 14.32 -13.02 10.57
C GLU C 172 15.51 -12.35 11.23
N PRO C 173 15.31 -11.16 11.80
CA PRO C 173 16.42 -10.48 12.43
C PRO C 173 17.15 -11.33 13.46
N ALA C 174 18.46 -11.21 13.48
CA ALA C 174 19.32 -11.92 14.43
C ALA C 174 20.33 -10.94 14.98
N ALA C 175 20.42 -10.90 16.31
CA ALA C 175 21.36 -10.00 16.98
C ALA C 175 22.80 -10.34 16.61
N THR C 176 23.63 -9.30 16.55
CA THR C 176 25.03 -9.51 16.22
C THR C 176 25.88 -8.42 16.82
N GLU C 177 27.03 -8.81 17.35
CA GLU C 177 27.95 -7.84 17.90
C GLU C 177 28.73 -7.40 16.67
N PHE C 178 28.29 -6.30 16.08
CA PHE C 178 28.93 -5.77 14.88
C PHE C 178 29.97 -4.72 15.24
N LYS C 179 31.23 -5.12 15.33
CA LYS C 179 32.28 -4.17 15.67
C LYS C 179 32.86 -3.57 14.40
N ALA C 180 32.83 -2.25 14.34
CA ALA C 180 33.36 -1.52 13.19
C ALA C 180 33.31 -0.04 13.51
N GLY C 181 34.32 0.69 13.06
CA GLY C 181 34.36 2.11 13.33
C GLY C 181 34.42 2.92 12.05
N SER C 182 34.26 2.24 10.92
CA SER C 182 34.30 2.91 9.62
C SER C 182 33.63 2.04 8.57
N PRO C 183 33.24 2.64 7.43
CA PRO C 183 32.58 1.87 6.37
C PRO C 183 33.45 0.73 5.88
N GLU C 184 34.75 0.95 5.79
CA GLU C 184 35.70 -0.07 5.34
C GLU C 184 35.67 -1.27 6.28
N GLU C 185 35.78 -1.01 7.58
CA GLU C 185 35.74 -2.07 8.58
C GLU C 185 34.38 -2.78 8.58
N ALA C 186 33.30 -2.01 8.47
CA ALA C 186 31.96 -2.56 8.46
C ALA C 186 31.82 -3.52 7.29
N ALA C 187 32.26 -3.10 6.10
CA ALA C 187 32.15 -3.96 4.93
C ALA C 187 33.00 -5.22 5.08
N GLU C 188 34.20 -5.06 5.63
CA GLU C 188 35.11 -6.17 5.83
C GLU C 188 34.51 -7.17 6.82
N PHE C 189 33.87 -6.66 7.87
CA PHE C 189 33.29 -7.52 8.89
C PHE C 189 32.14 -8.41 8.43
N ILE C 190 31.21 -7.84 7.65
CA ILE C 190 30.09 -8.65 7.18
C ILE C 190 30.57 -9.62 6.12
N LEU C 191 31.76 -9.37 5.60
CA LEU C 191 32.33 -10.22 4.58
C LEU C 191 33.15 -11.38 5.17
N LYS C 192 33.91 -11.12 6.22
CA LYS C 192 34.77 -12.16 6.81
C LYS C 192 34.78 -12.20 8.33
N GLY C 193 34.33 -11.13 8.97
CA GLY C 193 34.35 -11.08 10.42
C GLY C 193 33.36 -11.94 11.19
N GLY C 194 33.55 -11.97 12.50
CA GLY C 194 32.69 -12.73 13.40
C GLY C 194 31.90 -13.89 12.84
N GLU C 195 30.64 -13.95 13.23
CA GLU C 195 29.74 -15.00 12.79
C GLU C 195 29.63 -15.08 11.28
N PHE C 196 29.89 -13.97 10.59
CA PHE C 196 29.78 -13.95 9.14
C PHE C 196 30.82 -14.76 8.42
N ALA C 197 31.93 -15.07 9.10
CA ALA C 197 33.00 -15.84 8.50
C ALA C 197 32.51 -17.25 8.14
N ALA C 198 31.57 -17.75 8.93
CA ALA C 198 31.01 -19.09 8.73
C ALA C 198 29.99 -19.20 7.58
N PHE C 199 29.44 -18.06 7.14
CA PHE C 199 28.48 -18.09 6.05
C PHE C 199 29.21 -18.22 4.74
N THR C 200 28.88 -19.27 4.01
CA THR C 200 29.54 -19.62 2.76
C THR C 200 29.29 -18.80 1.49
N HIS C 201 30.23 -18.95 0.56
CA HIS C 201 30.19 -18.29 -0.75
C HIS C 201 30.23 -16.77 -0.75
N PRO C 202 31.16 -16.16 0.01
CA PRO C 202 31.24 -14.70 0.04
C PRO C 202 31.72 -14.26 -1.34
N VAL C 203 31.23 -13.13 -1.83
CA VAL C 203 31.64 -12.63 -3.13
C VAL C 203 32.12 -11.19 -3.03
N THR C 204 31.27 -10.33 -2.48
CA THR C 204 31.59 -8.92 -2.35
C THR C 204 30.71 -8.32 -1.26
N ALA C 205 31.14 -7.17 -0.72
CA ALA C 205 30.40 -6.50 0.35
C ALA C 205 30.56 -4.97 0.26
N ALA C 206 29.68 -4.26 0.94
CA ALA C 206 29.72 -2.80 0.95
C ALA C 206 29.09 -2.33 2.25
N ALA C 207 29.35 -1.09 2.64
CA ALA C 207 28.80 -0.58 3.89
C ALA C 207 28.76 0.93 3.90
N ALA C 208 27.97 1.45 4.83
CA ALA C 208 27.83 2.90 5.01
C ALA C 208 27.97 3.13 6.51
N PHE C 209 28.85 4.05 6.89
CA PHE C 209 29.07 4.32 8.30
C PHE C 209 28.90 5.80 8.58
N ASN C 210 28.42 6.11 9.79
CA ASN C 210 28.22 7.50 10.18
C ASN C 210 28.67 7.67 11.62
N ASP C 211 29.82 8.31 11.79
CA ASP C 211 30.39 8.55 13.11
C ASP C 211 29.85 9.85 13.68
N GLY C 212 28.94 10.47 12.95
CA GLY C 212 28.36 11.73 13.39
C GLY C 212 28.60 12.85 12.40
N GLU C 213 29.57 12.68 11.52
CA GLU C 213 29.86 13.71 10.55
C GLU C 213 29.35 13.36 9.16
N GLY C 214 28.48 12.35 9.09
CA GLY C 214 27.92 11.99 7.81
C GLY C 214 28.18 10.57 7.35
N TRP C 215 27.40 10.16 6.36
CA TRP C 215 27.52 8.83 5.81
C TRP C 215 28.68 8.68 4.84
N ASN C 216 29.49 7.66 5.07
CA ASN C 216 30.63 7.35 4.21
C ASN C 216 30.44 5.93 3.67
N LEU C 217 30.84 5.73 2.43
CA LEU C 217 30.70 4.43 1.80
C LEU C 217 32.03 3.71 1.64
N ALA C 218 31.96 2.38 1.47
CA ALA C 218 33.16 1.58 1.28
C ALA C 218 32.75 0.20 0.77
N THR C 219 33.68 -0.47 0.10
CA THR C 219 33.43 -1.80 -0.43
C THR C 219 34.61 -2.68 -0.05
N ARG C 220 34.38 -4.00 -0.06
CA ARG C 220 35.43 -4.96 0.25
C ARG C 220 35.28 -6.22 -0.59
N GLU C 221 36.36 -6.67 -1.20
CA GLU C 221 36.37 -7.88 -2.01
C GLU C 221 36.99 -8.99 -1.19
N MET C 222 36.86 -10.22 -1.67
CA MET C 222 37.44 -11.35 -0.96
C MET C 222 38.96 -11.33 -1.02
N MET D 21 -0.69 -11.31 31.79
CA MET D 21 -1.94 -12.09 32.06
C MET D 21 -3.17 -11.41 31.44
N TYR D 22 -3.11 -10.09 31.28
CA TYR D 22 -4.18 -9.36 30.62
C TYR D 22 -3.70 -9.14 29.21
N LEU D 23 -4.25 -9.88 28.26
CA LEU D 23 -3.87 -9.77 26.85
C LEU D 23 -4.74 -8.81 26.04
N GLY D 24 -5.82 -8.32 26.63
CA GLY D 24 -6.70 -7.42 25.91
C GLY D 24 -7.46 -8.22 24.88
N ARG D 25 -7.62 -7.66 23.67
CA ARG D 25 -8.34 -8.36 22.61
C ARG D 25 -7.54 -9.52 22.05
N ILE D 26 -8.21 -10.67 21.88
CA ILE D 26 -7.57 -11.89 21.40
C ILE D 26 -8.29 -12.52 20.22
N LEU D 27 -7.52 -13.13 19.32
CA LEU D 27 -8.12 -13.82 18.18
C LEU D 27 -7.27 -15.05 17.91
N ALA D 28 -7.93 -16.11 17.44
CA ALA D 28 -7.25 -17.34 17.10
C ALA D 28 -7.79 -17.75 15.74
N VAL D 29 -7.01 -18.53 15.02
CA VAL D 29 -7.40 -18.98 13.69
C VAL D 29 -6.64 -20.26 13.38
N GLY D 30 -7.24 -21.10 12.55
CA GLY D 30 -6.59 -22.35 12.20
C GLY D 30 -7.56 -23.46 11.89
N ARG D 31 -7.04 -24.69 11.86
CA ARG D 31 -7.84 -25.84 11.57
C ARG D 31 -7.55 -26.93 12.58
N ASN D 32 -8.55 -27.76 12.85
CA ASN D 32 -8.40 -28.88 13.75
C ASN D 32 -9.12 -30.04 13.08
N SER D 33 -9.19 -31.19 13.73
CA SER D 33 -9.84 -32.37 13.16
C SER D 33 -11.29 -32.17 12.72
N ASN D 34 -11.98 -31.21 13.32
CA ASN D 34 -13.38 -30.97 12.98
C ASN D 34 -13.64 -29.94 11.90
N GLY D 35 -12.65 -29.08 11.63
CA GLY D 35 -12.85 -28.06 10.61
C GLY D 35 -11.97 -26.83 10.76
N SER D 36 -12.31 -25.76 10.05
CA SER D 36 -11.57 -24.51 10.07
C SER D 36 -12.28 -23.50 10.94
N PHE D 37 -11.56 -22.49 11.42
CA PHE D 37 -12.20 -21.51 12.29
C PHE D 37 -11.40 -20.25 12.60
N VAL D 38 -12.11 -19.29 13.19
CA VAL D 38 -11.54 -18.03 13.66
C VAL D 38 -12.32 -17.78 14.94
N ALA D 39 -11.64 -17.35 15.97
CA ALA D 39 -12.32 -17.07 17.22
C ALA D 39 -11.86 -15.71 17.64
N TYR D 40 -12.72 -15.00 18.36
CA TYR D 40 -12.37 -13.68 18.82
C TYR D 40 -12.93 -13.45 20.21
N ARG D 41 -12.17 -12.76 21.04
CA ARG D 41 -12.60 -12.47 22.39
C ARG D 41 -12.24 -11.07 22.82
N VAL D 42 -13.20 -10.39 23.40
CA VAL D 42 -12.97 -9.06 23.91
C VAL D 42 -12.59 -9.17 25.38
N SER D 43 -11.45 -8.61 25.74
CA SER D 43 -11.04 -8.58 27.13
C SER D 43 -10.90 -7.09 27.32
N SER D 44 -11.46 -6.55 28.39
CA SER D 44 -11.39 -5.12 28.60
C SER D 44 -11.48 -4.73 30.06
N ARG D 45 -10.94 -3.57 30.37
CA ARG D 45 -10.96 -3.04 31.73
C ARG D 45 -11.78 -1.77 31.71
N SER D 46 -11.40 -0.86 30.83
CA SER D 46 -12.08 0.43 30.73
C SER D 46 -13.46 0.39 30.06
N PHE D 47 -13.70 -0.61 29.23
CA PHE D 47 -14.99 -0.73 28.54
C PHE D 47 -15.49 -2.16 28.56
N PRO D 48 -16.05 -2.59 29.71
CA PRO D 48 -16.57 -3.95 29.83
C PRO D 48 -18.05 -4.05 29.47
N ASN D 49 -18.67 -2.93 29.19
CA ASN D 49 -20.09 -2.90 28.85
C ASN D 49 -20.36 -3.17 27.38
N ARG D 50 -19.88 -4.30 26.89
CA ARG D 50 -20.05 -4.64 25.49
C ARG D 50 -20.40 -6.11 25.31
N THR D 51 -20.91 -6.43 24.13
CA THR D 51 -21.30 -7.79 23.81
C THR D 51 -21.11 -8.02 22.32
N THR D 52 -21.32 -9.24 21.86
CA THR D 52 -21.18 -9.52 20.44
C THR D 52 -22.57 -9.69 19.86
N SER D 53 -22.73 -9.29 18.62
CA SER D 53 -24.00 -9.36 17.93
C SER D 53 -23.82 -10.00 16.55
N ILE D 54 -24.70 -10.91 16.21
CA ILE D 54 -24.62 -11.55 14.91
C ILE D 54 -25.58 -10.90 13.95
N GLN D 55 -25.07 -10.52 12.79
CA GLN D 55 -25.86 -9.91 11.75
C GLN D 55 -25.48 -10.66 10.46
N GLU D 56 -26.03 -10.25 9.34
CA GLU D 56 -25.73 -10.95 8.10
C GLU D 56 -24.25 -11.15 7.80
N GLU D 57 -23.81 -12.40 7.94
CA GLU D 57 -22.43 -12.78 7.68
C GLU D 57 -21.33 -12.00 8.40
N ARG D 58 -21.63 -11.54 9.60
CA ARG D 58 -20.65 -10.79 10.38
C ARG D 58 -21.05 -10.77 11.85
N VAL D 59 -20.05 -10.56 12.69
CA VAL D 59 -20.26 -10.46 14.12
C VAL D 59 -19.72 -9.11 14.55
N ALA D 60 -20.56 -8.32 15.20
CA ALA D 60 -20.11 -7.01 15.65
C ALA D 60 -19.93 -6.96 17.16
N VAL D 61 -18.89 -6.25 17.59
CA VAL D 61 -18.66 -6.05 19.01
C VAL D 61 -19.35 -4.70 19.21
N VAL D 62 -20.39 -4.68 20.04
CA VAL D 62 -21.13 -3.44 20.28
C VAL D 62 -21.43 -3.19 21.75
N PRO D 63 -21.85 -1.96 22.08
CA PRO D 63 -22.16 -1.65 23.48
C PRO D 63 -23.47 -2.32 23.86
N VAL D 64 -23.58 -2.76 25.11
CA VAL D 64 -24.81 -3.39 25.60
C VAL D 64 -25.79 -2.23 25.75
N GLU D 65 -27.09 -2.53 25.84
CA GLU D 65 -28.06 -1.46 25.99
C GLU D 65 -27.70 -0.50 27.13
N GLY D 66 -27.93 0.79 26.89
CA GLY D 66 -27.63 1.79 27.90
C GLY D 66 -26.31 2.51 27.70
N HIS D 67 -25.37 1.88 27.01
CA HIS D 67 -24.06 2.48 26.79
C HIS D 67 -23.77 2.86 25.34
N GLU D 68 -24.81 3.00 24.54
CA GLU D 68 -24.64 3.38 23.13
C GLU D 68 -23.62 4.51 23.04
N ARG D 69 -23.73 5.45 23.97
CA ARG D 69 -22.85 6.61 24.06
C ARG D 69 -21.35 6.32 23.97
N ASP D 70 -20.92 5.22 24.58
CA ASP D 70 -19.51 4.86 24.59
C ASP D 70 -18.78 5.01 23.27
N VAL D 71 -19.41 4.59 22.17
CA VAL D 71 -18.75 4.69 20.86
C VAL D 71 -18.30 6.11 20.55
N PHE D 72 -18.90 7.09 21.22
CA PHE D 72 -18.55 8.48 20.98
C PHE D 72 -17.41 8.93 21.88
N ARG D 73 -17.14 8.14 22.91
CA ARG D 73 -16.06 8.46 23.84
C ARG D 73 -14.77 7.85 23.32
N ASN D 74 -14.89 6.65 22.76
CA ASN D 74 -13.74 5.93 22.21
C ASN D 74 -14.16 5.30 20.88
N PRO D 75 -13.42 5.62 19.81
CA PRO D 75 -13.70 5.12 18.47
C PRO D 75 -13.17 3.73 18.17
N TYR D 76 -12.60 3.04 19.14
CA TYR D 76 -12.07 1.72 18.88
C TYR D 76 -12.81 0.62 19.61
N ILE D 77 -13.94 0.94 20.22
CA ILE D 77 -14.65 -0.09 20.98
C ILE D 77 -15.79 -0.77 20.28
N ALA D 78 -16.23 -0.26 19.13
CA ALA D 78 -17.32 -0.87 18.37
C ALA D 78 -16.81 -1.14 16.97
N TYR D 79 -17.00 -2.37 16.48
CA TYR D 79 -16.53 -2.73 15.15
C TYR D 79 -16.91 -4.18 14.85
N ASN D 80 -16.89 -4.56 13.57
CA ASN D 80 -17.17 -5.94 13.21
C ASN D 80 -15.88 -6.67 13.52
N CYS D 81 -15.95 -7.74 14.32
CA CYS D 81 -14.76 -8.51 14.65
C CYS D 81 -14.65 -9.71 13.72
N ILE D 82 -15.73 -10.04 13.04
CA ILE D 82 -15.77 -11.17 12.11
C ILE D 82 -16.60 -10.88 10.88
N ARG D 83 -16.03 -11.18 9.71
CA ARG D 83 -16.70 -10.99 8.42
C ARG D 83 -16.52 -12.27 7.62
N ILE D 84 -17.60 -12.75 7.03
CA ILE D 84 -17.51 -13.94 6.20
C ILE D 84 -17.72 -13.48 4.76
N VAL D 85 -16.74 -13.76 3.91
CA VAL D 85 -16.86 -13.39 2.51
C VAL D 85 -16.59 -14.67 1.72
N GLY D 86 -17.64 -15.23 1.15
CA GLY D 86 -17.51 -16.45 0.38
C GLY D 86 -16.97 -17.56 1.27
N ASP D 87 -15.89 -18.17 0.83
CA ASP D 87 -15.27 -19.25 1.56
C ASP D 87 -14.25 -18.71 2.59
N THR D 88 -14.15 -17.40 2.70
CA THR D 88 -13.19 -16.80 3.62
C THR D 88 -13.73 -16.19 4.90
N ALA D 89 -13.06 -16.51 6.01
CA ALA D 89 -13.41 -15.95 7.31
C ALA D 89 -12.36 -14.92 7.69
N VAL D 90 -12.81 -13.74 8.12
CA VAL D 90 -11.90 -12.67 8.53
C VAL D 90 -12.20 -12.29 9.98
N VAL D 91 -11.15 -12.10 10.76
CA VAL D 91 -11.30 -11.73 12.16
C VAL D 91 -10.28 -10.67 12.53
N SER D 92 -10.70 -9.68 13.32
CA SER D 92 -9.79 -8.63 13.75
C SER D 92 -10.36 -7.89 14.94
N ASN D 93 -9.52 -7.09 15.60
CA ASN D 93 -9.94 -6.35 16.78
C ASN D 93 -10.42 -4.96 16.47
N GLY D 94 -10.75 -4.70 15.21
CA GLY D 94 -11.22 -3.38 14.86
C GLY D 94 -11.83 -3.23 13.49
N SER D 95 -12.15 -2.00 13.12
CA SER D 95 -12.76 -1.70 11.84
C SER D 95 -11.99 -2.23 10.64
N HIS D 96 -10.74 -2.62 10.81
CA HIS D 96 -9.98 -3.13 9.67
C HIS D 96 -10.51 -4.50 9.21
N THR D 97 -11.40 -5.07 10.01
CA THR D 97 -12.02 -6.35 9.66
C THR D 97 -12.72 -6.13 8.33
N ASP D 98 -13.41 -5.01 8.23
CA ASP D 98 -14.13 -4.66 7.01
C ASP D 98 -13.17 -4.29 5.89
N THR D 99 -12.09 -3.59 6.23
CA THR D 99 -11.12 -3.21 5.21
C THR D 99 -10.55 -4.45 4.54
N ILE D 100 -10.22 -5.45 5.36
CA ILE D 100 -9.64 -6.70 4.87
C ILE D 100 -10.64 -7.55 4.08
N ALA D 101 -11.81 -7.77 4.68
CA ALA D 101 -12.87 -8.57 4.05
C ALA D 101 -13.26 -7.99 2.69
N ASP D 102 -13.37 -6.67 2.62
CA ASP D 102 -13.72 -6.03 1.35
C ASP D 102 -12.69 -6.33 0.26
N LYS D 103 -11.41 -6.30 0.62
CA LYS D 103 -10.37 -6.58 -0.37
C LYS D 103 -10.43 -8.03 -0.84
N VAL D 104 -10.74 -8.92 0.10
CA VAL D 104 -10.82 -10.33 -0.23
C VAL D 104 -12.00 -10.49 -1.18
N ALA D 105 -13.10 -9.85 -0.83
CA ALA D 105 -14.30 -9.89 -1.64
C ALA D 105 -14.02 -9.39 -3.06
N LEU D 106 -13.21 -8.34 -3.19
CA LEU D 106 -12.90 -7.80 -4.50
C LEU D 106 -11.71 -8.51 -5.16
N GLY D 107 -11.19 -9.53 -4.51
CA GLY D 107 -10.08 -10.25 -5.10
C GLY D 107 -8.73 -9.74 -4.71
N MET D 108 -8.17 -10.37 -3.69
CA MET D 108 -6.85 -10.03 -3.19
C MET D 108 -6.51 -11.19 -2.28
N ASN D 109 -5.32 -11.75 -2.46
CA ASN D 109 -4.91 -12.88 -1.63
C ASN D 109 -4.90 -12.44 -0.18
N LEU D 110 -5.09 -13.39 0.72
CA LEU D 110 -5.14 -13.09 2.14
C LEU D 110 -3.95 -12.28 2.67
N ARG D 111 -2.73 -12.73 2.40
CA ARG D 111 -1.56 -12.01 2.91
C ARG D 111 -1.58 -10.51 2.58
N ASP D 112 -1.75 -10.17 1.30
CA ASP D 112 -1.80 -8.77 0.88
C ASP D 112 -2.97 -8.01 1.46
N ALA D 113 -4.15 -8.63 1.50
CA ALA D 113 -5.33 -8.00 2.04
C ALA D 113 -5.11 -7.59 3.50
N ILE D 114 -4.46 -8.45 4.27
CA ILE D 114 -4.17 -8.16 5.66
C ILE D 114 -3.05 -7.14 5.70
N GLY D 115 -2.00 -7.40 4.94
CA GLY D 115 -0.87 -6.48 4.89
C GLY D 115 -1.24 -5.06 4.48
N LEU D 116 -1.95 -4.90 3.38
CA LEU D 116 -2.31 -3.56 2.94
C LEU D 116 -3.18 -2.83 3.97
N SER D 117 -4.14 -3.53 4.56
CA SER D 117 -5.04 -2.92 5.53
C SER D 117 -4.31 -2.47 6.79
N LEU D 118 -3.46 -3.34 7.35
CA LEU D 118 -2.74 -3.00 8.56
C LEU D 118 -1.75 -1.89 8.31
N LEU D 119 -1.06 -1.94 7.18
CA LEU D 119 -0.08 -0.92 6.85
C LEU D 119 -0.76 0.45 6.81
N ALA D 120 -1.93 0.53 6.20
CA ALA D 120 -2.64 1.80 6.10
C ALA D 120 -3.31 2.24 7.40
N MET D 121 -4.10 1.36 7.99
CA MET D 121 -4.80 1.66 9.24
C MET D 121 -3.82 1.97 10.36
N ASP D 122 -2.82 1.11 10.50
CA ASP D 122 -1.80 1.30 11.51
C ASP D 122 -2.30 1.02 12.92
N TYR D 123 -1.42 1.15 13.91
CA TYR D 123 -1.84 0.90 15.28
C TYR D 123 -2.83 1.95 15.71
N GLU D 124 -3.66 1.62 16.69
CA GLU D 124 -4.66 2.55 17.18
C GLU D 124 -3.99 3.67 17.98
N LYS D 125 -4.51 4.88 17.82
CA LYS D 125 -3.95 6.03 18.49
C LYS D 125 -4.52 6.30 19.87
N ASP D 126 -4.39 5.33 20.78
CA ASP D 126 -4.88 5.51 22.13
C ASP D 126 -3.68 5.65 23.05
N GLU D 127 -3.92 5.72 24.35
CA GLU D 127 -2.84 5.88 25.30
C GLU D 127 -1.90 4.69 25.37
N LEU D 128 -2.23 3.62 24.66
CA LEU D 128 -1.37 2.44 24.65
C LEU D 128 -0.84 2.09 23.27
N ASN D 129 -1.21 2.85 22.25
CA ASN D 129 -0.80 2.54 20.89
C ASN D 129 -1.23 1.12 20.59
N THR D 130 -2.43 0.78 21.06
CA THR D 130 -2.99 -0.53 20.87
C THR D 130 -2.86 -1.00 19.44
N PRO D 131 -2.22 -2.15 19.24
CA PRO D 131 -1.99 -2.75 17.93
C PRO D 131 -3.29 -3.17 17.26
N ARG D 132 -3.23 -3.30 15.94
CA ARG D 132 -4.36 -3.82 15.18
C ARG D 132 -3.91 -5.22 14.81
N ILE D 133 -4.72 -6.21 15.12
CA ILE D 133 -4.41 -7.60 14.81
C ILE D 133 -5.49 -8.14 13.89
N ALA D 134 -5.18 -9.19 13.14
CA ALA D 134 -6.17 -9.79 12.23
C ALA D 134 -5.70 -11.12 11.69
N ALA D 135 -6.65 -11.87 11.16
CA ALA D 135 -6.36 -13.15 10.56
C ALA D 135 -7.48 -13.42 9.60
N ALA D 136 -7.18 -14.25 8.60
CA ALA D 136 -8.17 -14.61 7.58
C ALA D 136 -7.87 -16.04 7.18
N ILE D 137 -8.93 -16.82 6.94
CA ILE D 137 -8.74 -18.20 6.56
C ILE D 137 -9.78 -18.64 5.55
N ASN D 138 -9.35 -19.44 4.59
CA ASN D 138 -10.25 -19.97 3.56
C ASN D 138 -9.94 -21.45 3.40
N GLY D 139 -10.43 -22.05 2.32
CA GLY D 139 -10.23 -23.47 2.11
C GLY D 139 -8.80 -23.99 2.05
N SER D 140 -7.87 -23.21 1.48
CA SER D 140 -6.49 -23.69 1.36
C SER D 140 -5.42 -23.03 2.23
N GLU D 141 -5.62 -21.78 2.62
CA GLU D 141 -4.61 -21.11 3.43
C GLU D 141 -5.17 -20.17 4.47
N ALA D 142 -4.30 -19.73 5.36
CA ALA D 142 -4.68 -18.81 6.42
C ALA D 142 -3.51 -17.91 6.79
N PHE D 143 -3.80 -16.65 7.09
CA PHE D 143 -2.77 -15.72 7.50
C PHE D 143 -3.18 -14.96 8.74
N ILE D 144 -2.19 -14.53 9.50
CA ILE D 144 -2.42 -13.78 10.72
C ILE D 144 -1.46 -12.60 10.69
N GLY D 145 -1.89 -11.47 11.22
CA GLY D 145 -1.02 -10.30 11.22
C GLY D 145 -1.25 -9.29 12.34
N ILE D 146 -0.29 -8.39 12.48
CA ILE D 146 -0.38 -7.38 13.51
C ILE D 146 0.46 -6.19 13.09
N VAL D 147 0.06 -5.01 13.55
CA VAL D 147 0.76 -3.79 13.26
C VAL D 147 0.83 -3.02 14.57
N THR D 148 2.03 -2.57 14.91
CA THR D 148 2.23 -1.85 16.16
C THR D 148 3.17 -0.68 15.95
N ALA D 149 3.40 0.07 17.01
CA ALA D 149 4.29 1.20 16.93
C ALA D 149 5.73 0.78 16.56
N ASP D 150 6.05 -0.49 16.77
CA ASP D 150 7.38 -1.01 16.45
C ASP D 150 7.48 -1.76 15.13
N GLY D 151 6.37 -1.97 14.45
CA GLY D 151 6.46 -2.68 13.19
C GLY D 151 5.18 -3.26 12.63
N LEU D 152 5.36 -4.08 11.62
CA LEU D 152 4.24 -4.73 10.93
C LEU D 152 4.63 -6.18 10.64
N MET D 153 3.70 -7.09 10.89
CA MET D 153 3.98 -8.48 10.64
C MET D 153 2.74 -9.22 10.17
N VAL D 154 2.91 -9.97 9.08
CA VAL D 154 1.82 -10.77 8.51
C VAL D 154 2.48 -12.08 8.15
N SER D 155 1.95 -13.19 8.66
CA SER D 155 2.57 -14.46 8.35
C SER D 155 1.58 -15.60 8.15
N ARG D 156 2.01 -16.57 7.37
CA ARG D 156 1.19 -17.73 7.08
C ARG D 156 0.96 -18.54 8.37
N VAL D 157 -0.28 -18.94 8.61
CA VAL D 157 -0.61 -19.76 9.76
C VAL D 157 -0.22 -21.20 9.38
N PRO D 158 0.62 -21.86 10.19
CA PRO D 158 1.01 -23.24 9.88
C PRO D 158 -0.22 -24.14 9.87
N GLU D 159 -0.36 -24.97 8.84
CA GLU D 159 -1.52 -25.86 8.74
C GLU D 159 -1.50 -26.89 9.86
N GLU D 160 -0.29 -27.17 10.32
CA GLU D 160 -0.04 -28.13 11.38
C GLU D 160 -0.64 -27.73 12.74
N THR D 161 -0.95 -26.45 12.93
CA THR D 161 -1.50 -26.01 14.21
C THR D 161 -2.14 -24.62 14.25
N PRO D 162 -3.24 -24.50 15.00
CA PRO D 162 -3.95 -23.22 15.14
C PRO D 162 -3.08 -22.28 15.96
N VAL D 163 -3.25 -20.99 15.75
CA VAL D 163 -2.48 -20.00 16.50
C VAL D 163 -3.40 -18.91 16.98
N TYR D 164 -2.89 -18.08 17.87
CA TYR D 164 -3.67 -16.96 18.40
C TYR D 164 -2.73 -15.79 18.65
N ILE D 165 -3.30 -14.60 18.74
CA ILE D 165 -2.49 -13.41 19.00
C ILE D 165 -3.37 -12.41 19.74
N SER D 166 -2.75 -11.49 20.48
CA SER D 166 -3.50 -10.50 21.22
C SER D 166 -2.90 -9.11 21.05
N THR D 167 -3.62 -8.10 21.54
CA THR D 167 -3.13 -6.73 21.43
C THR D 167 -2.09 -6.39 22.48
N TYR D 168 -2.10 -7.12 23.60
CA TYR D 168 -1.15 -6.88 24.67
C TYR D 168 -0.48 -8.17 25.10
N GLU D 169 0.82 -8.09 25.37
CA GLU D 169 1.63 -9.22 25.79
C GLU D 169 1.89 -10.19 24.66
N GLN D 170 0.90 -10.98 24.29
CA GLN D 170 1.06 -11.95 23.21
C GLN D 170 0.92 -11.28 21.85
N THR D 171 1.88 -10.41 21.54
CA THR D 171 1.85 -9.66 20.29
C THR D 171 2.58 -10.33 19.12
N GLU D 172 2.53 -11.65 19.10
CA GLU D 172 3.12 -12.44 18.02
C GLU D 172 2.36 -13.76 18.07
N PRO D 173 2.21 -14.42 16.93
CA PRO D 173 1.48 -15.69 16.95
C PRO D 173 2.01 -16.69 17.97
N ALA D 174 1.08 -17.38 18.62
CA ALA D 174 1.42 -18.39 19.61
C ALA D 174 0.56 -19.63 19.32
N ALA D 175 1.22 -20.79 19.24
CA ALA D 175 0.52 -22.04 18.97
C ALA D 175 -0.46 -22.36 20.08
N THR D 176 -1.56 -23.00 19.72
CA THR D 176 -2.57 -23.38 20.70
C THR D 176 -3.36 -24.58 20.23
N GLU D 177 -3.61 -25.48 21.16
CA GLU D 177 -4.40 -26.65 20.82
C GLU D 177 -5.82 -26.13 20.99
N PHE D 178 -6.42 -25.72 19.89
CA PHE D 178 -7.77 -25.18 19.91
C PHE D 178 -8.79 -26.27 19.60
N LYS D 179 -9.36 -26.87 20.63
CA LYS D 179 -10.35 -27.92 20.40
C LYS D 179 -11.74 -27.31 20.34
N ALA D 180 -12.44 -27.61 19.26
CA ALA D 180 -13.78 -27.10 19.03
C ALA D 180 -14.33 -27.73 17.77
N GLY D 181 -15.62 -28.07 17.78
CA GLY D 181 -16.22 -28.68 16.62
C GLY D 181 -17.38 -27.87 16.07
N SER D 182 -17.55 -26.66 16.60
CA SER D 182 -18.63 -25.77 16.18
C SER D 182 -18.31 -24.34 16.57
N PRO D 183 -19.01 -23.37 15.98
CA PRO D 183 -18.76 -21.97 16.32
C PRO D 183 -19.04 -21.69 17.79
N GLU D 184 -20.07 -22.32 18.34
CA GLU D 184 -20.42 -22.14 19.73
C GLU D 184 -19.26 -22.59 20.62
N GLU D 185 -18.74 -23.78 20.36
CA GLU D 185 -17.63 -24.32 21.14
C GLU D 185 -16.39 -23.46 20.97
N ALA D 186 -16.12 -23.06 19.73
CA ALA D 186 -14.97 -22.23 19.46
C ALA D 186 -15.04 -20.93 20.27
N ALA D 187 -16.20 -20.28 20.25
CA ALA D 187 -16.36 -19.04 20.99
C ALA D 187 -16.19 -19.26 22.49
N GLU D 188 -16.78 -20.34 23.00
CA GLU D 188 -16.69 -20.67 24.41
C GLU D 188 -15.25 -20.95 24.81
N PHE D 189 -14.49 -21.59 23.93
CA PHE D 189 -13.11 -21.93 24.23
C PHE D 189 -12.17 -20.74 24.36
N ILE D 190 -12.28 -19.78 23.45
CA ILE D 190 -11.39 -18.64 23.51
C ILE D 190 -11.80 -17.75 24.67
N LEU D 191 -13.01 -17.97 25.18
CA LEU D 191 -13.52 -17.19 26.29
C LEU D 191 -13.15 -17.78 27.65
N LYS D 192 -13.22 -19.10 27.79
CA LYS D 192 -12.93 -19.74 29.07
C LYS D 192 -12.06 -20.99 29.00
N GLY D 193 -11.94 -21.57 27.83
CA GLY D 193 -11.17 -22.80 27.66
C GLY D 193 -9.66 -22.70 27.75
N GLY D 194 -9.03 -23.87 27.84
CA GLY D 194 -7.59 -24.01 27.91
C GLY D 194 -6.79 -22.84 28.43
N GLU D 195 -5.71 -22.53 27.74
CA GLU D 195 -4.84 -21.44 28.11
C GLU D 195 -5.57 -20.11 28.24
N PHE D 196 -6.68 -19.96 27.52
CA PHE D 196 -7.44 -18.72 27.56
C PHE D 196 -8.14 -18.43 28.88
N ALA D 197 -8.32 -19.46 29.69
CA ALA D 197 -8.98 -19.28 30.98
C ALA D 197 -8.14 -18.36 31.89
N ALA D 198 -6.83 -18.42 31.71
CA ALA D 198 -5.89 -17.62 32.51
C ALA D 198 -5.81 -16.15 32.12
N PHE D 199 -6.27 -15.81 30.92
CA PHE D 199 -6.20 -14.43 30.47
C PHE D 199 -7.36 -13.68 31.10
N THR D 200 -7.02 -12.64 31.83
CA THR D 200 -7.98 -11.83 32.58
C THR D 200 -8.92 -10.88 31.87
N HIS D 201 -9.99 -10.54 32.58
CA HIS D 201 -11.02 -9.62 32.12
C HIS D 201 -11.82 -10.03 30.90
N PRO D 202 -12.30 -11.29 30.86
CA PRO D 202 -13.08 -11.71 29.70
C PRO D 202 -14.39 -10.92 29.72
N VAL D 203 -14.91 -10.58 28.55
CA VAL D 203 -16.15 -9.83 28.47
C VAL D 203 -17.15 -10.52 27.55
N THR D 204 -16.70 -10.80 26.33
CA THR D 204 -17.54 -11.43 25.32
C THR D 204 -16.67 -12.08 24.24
N ALA D 205 -17.23 -13.01 23.50
CA ALA D 205 -16.48 -13.69 22.45
C ALA D 205 -17.39 -14.11 21.30
N ALA D 206 -16.79 -14.43 20.17
CA ALA D 206 -17.55 -14.86 19.00
C ALA D 206 -16.65 -15.75 18.16
N ALA D 207 -17.23 -16.50 17.25
CA ALA D 207 -16.44 -17.38 16.41
C ALA D 207 -17.16 -17.78 15.13
N ALA D 208 -16.37 -18.27 14.18
CA ALA D 208 -16.90 -18.74 12.91
C ALA D 208 -16.28 -20.11 12.69
N PHE D 209 -17.11 -21.11 12.43
CA PHE D 209 -16.61 -22.45 12.20
C PHE D 209 -17.07 -22.99 10.84
N ASN D 210 -16.23 -23.80 10.22
CA ASN D 210 -16.57 -24.40 8.94
C ASN D 210 -16.17 -25.88 8.95
N ASP D 211 -17.17 -26.75 9.05
CA ASP D 211 -16.93 -28.19 9.07
C ASP D 211 -16.91 -28.74 7.65
N GLY D 212 -17.01 -27.84 6.68
CA GLY D 212 -17.01 -28.25 5.28
C GLY D 212 -18.27 -27.85 4.56
N GLU D 213 -19.33 -27.56 5.32
CA GLU D 213 -20.59 -27.17 4.72
C GLU D 213 -20.86 -25.66 4.80
N GLY D 214 -19.82 -24.91 5.16
CA GLY D 214 -19.98 -23.47 5.25
C GLY D 214 -19.67 -22.86 6.60
N TRP D 215 -19.53 -21.55 6.60
CA TRP D 215 -19.23 -20.81 7.80
C TRP D 215 -20.47 -20.55 8.65
N ASN D 216 -20.36 -20.88 9.93
CA ASN D 216 -21.44 -20.65 10.87
C ASN D 216 -20.91 -19.73 11.97
N LEU D 217 -21.77 -18.87 12.49
CA LEU D 217 -21.36 -17.94 13.52
C LEU D 217 -21.95 -18.26 14.88
N ALA D 218 -21.35 -17.74 15.93
CA ALA D 218 -21.83 -17.97 17.27
C ALA D 218 -21.16 -16.98 18.22
N THR D 219 -21.81 -16.73 19.35
CA THR D 219 -21.28 -15.82 20.35
C THR D 219 -21.40 -16.48 21.70
N ARG D 220 -20.61 -16.01 22.66
CA ARG D 220 -20.64 -16.54 24.02
C ARG D 220 -20.36 -15.45 25.04
N GLU D 221 -21.21 -15.36 26.06
CA GLU D 221 -21.05 -14.37 27.11
C GLU D 221 -20.43 -15.08 28.31
N MET D 222 -19.99 -14.30 29.30
CA MET D 222 -19.41 -14.88 30.50
C MET D 222 -20.47 -15.57 31.35
#